data_8U87
#
_entry.id   8U87
#
_cell.length_a   1.00
_cell.length_b   1.00
_cell.length_c   1.00
_cell.angle_alpha   90.00
_cell.angle_beta   90.00
_cell.angle_gamma   90.00
#
_symmetry.space_group_name_H-M   'P 1'
#
loop_
_entity.id
_entity.type
_entity.pdbx_description
1 polymer 'NADPH oxidase 5'
2 non-polymer 'HEME B/C'
3 non-polymer 'NADPH DIHYDRO-NICOTINAMIDE-ADENINE-DINUCLEOTIDE PHOSPHATE'
4 non-polymer 'FLAVIN-ADENINE DINUCLEOTIDE'
5 non-polymer 'ZINC ION'
6 non-polymer DODECANE
#
_entity_poly.entity_id   1
_entity_poly.type   'polypeptide(L)'
_entity_poly.pdbx_seq_one_letter_code
;MSAEEDARWLRWVTQQFKTIAGEDGEISLQEFKAALHVKESFFAERFFALFDSDRSGTITLQELQEALTLLIHGSPMDKL
KFLFQVYDIDGSGSIDPDELRTVLQSCLRESAISLPDEKLDQLTLALFESADADGNGAITFEELRDELQRFPGVMENLTI
SAAHWLTAPAPRPRPRRPRQLTRAYWHNHRSQLFCLATYAGLHVLLFGLAASAHRDLGASVMVAKGCGQCLNFDCSFIAV
LMLRRCLTWLRATWLAQVLPLDQNIQFHQLMGYVVVGLSLVHTVAHTVNFVLQAQAEASPFQFWELLLTTRPGIGWVHGS
ASPTGVALLLLLLLMFICSSSCIRRSGHFEVFYWTHLSYLLVWLLLIFHGPNFWKWLLVPGILFFLEKAIGLAVSRMAAV
CIMEVNLLPSKVTHLLIKRPPFFHYRPGDYLYLNIPTIARYEWHPFTISSAPEQKDTIWLHIRSQGQWTNRLYESFKASD
PLGRGSKRLSRSVTMRKSQRSSKGSEILLEKHKFCNIKCYIDGPYGTPTRRIFASEHAVLIGAGIGITPFASILQSIMYR
HQKRKHTCPSCQHSWIEGVQDNMKLHKVDFIWINRDQRSFEWFVSLLTKLEMDQAEEAQYGRFLELHMYMTSALGKNDMK
AIGLQMALDLLANKEKKDSITGLQTRTQPGRPDWSKVFQKVAAEKKGKVQVFFCGSPALAKVLKGHCEKFGFRFFQENF
;
_entity_poly.pdbx_strand_id   A,C
#
# COMPACT_ATOMS: atom_id res chain seq x y z
N TRP A 9 35.39 34.28 27.51
CA TRP A 9 34.05 34.08 28.03
C TRP A 9 33.50 35.38 28.60
N LEU A 10 34.40 36.33 28.92
CA LEU A 10 33.97 37.61 29.46
C LEU A 10 33.17 38.40 28.44
N ARG A 11 33.55 38.31 27.15
CA ARG A 11 32.83 39.04 26.12
C ARG A 11 31.40 38.53 25.97
N TRP A 12 31.22 37.21 25.99
CA TRP A 12 29.87 36.65 25.89
C TRP A 12 29.02 37.05 27.09
N VAL A 13 29.62 37.05 28.29
CA VAL A 13 28.88 37.45 29.48
C VAL A 13 28.47 38.92 29.39
N THR A 14 29.38 39.78 28.94
CA THR A 14 29.06 41.19 28.80
C THR A 14 27.97 41.41 27.76
N GLN A 15 28.03 40.67 26.64
CA GLN A 15 27.01 40.80 25.62
C GLN A 15 25.64 40.34 26.13
N GLN A 16 25.62 39.22 26.87
CA GLN A 16 24.35 38.72 27.41
C GLN A 16 23.78 39.68 28.44
N PHE A 17 24.64 40.30 29.25
CA PHE A 17 24.16 41.30 30.21
C PHE A 17 23.64 42.54 29.51
N LYS A 18 24.32 42.98 28.45
CA LYS A 18 23.86 44.14 27.71
C LYS A 18 22.56 43.86 26.97
N THR A 19 22.32 42.61 26.61
CA THR A 19 21.08 42.24 25.92
C THR A 19 19.84 42.41 26.78
N ILE A 20 20.01 42.75 28.07
CA ILE A 20 18.87 42.96 28.96
C ILE A 20 19.26 43.92 30.07
N GLU A 26 19.36 48.49 33.89
CA GLU A 26 19.74 47.22 34.49
C GLU A 26 18.83 46.09 34.03
N ILE A 27 19.31 44.86 34.17
CA ILE A 27 18.55 43.67 33.78
C ILE A 27 17.72 43.26 35.00
N SER A 28 16.48 43.76 35.06
CA SER A 28 15.60 43.45 36.17
C SER A 28 15.11 42.01 36.08
N LEU A 29 14.28 41.61 37.05
CA LEU A 29 13.74 40.25 37.05
C LEU A 29 12.83 40.01 35.85
N GLN A 30 12.22 41.08 35.31
CA GLN A 30 11.37 40.93 34.13
C GLN A 30 12.19 40.48 32.93
N GLU A 31 13.26 41.23 32.61
CA GLU A 31 14.12 40.83 31.50
C GLU A 31 14.83 39.52 31.79
N PHE A 32 15.06 39.20 33.07
CA PHE A 32 15.66 37.92 33.43
C PHE A 32 14.73 36.76 33.07
N LYS A 33 13.46 36.85 33.47
CA LYS A 33 12.50 35.82 33.11
C LYS A 33 12.24 35.80 31.61
N ALA A 34 12.37 36.94 30.95
CA ALA A 34 12.17 36.98 29.50
C ALA A 34 13.30 36.28 28.76
N ALA A 35 14.55 36.46 29.23
CA ALA A 35 15.68 35.84 28.56
C ALA A 35 15.75 34.34 28.88
N LEU A 36 15.41 33.96 30.11
CA LEU A 36 15.49 32.56 30.52
C LEU A 36 14.32 31.72 30.01
N HIS A 37 13.25 32.35 29.54
CA HIS A 37 12.07 31.64 29.02
C HIS A 37 11.50 30.67 30.05
N SER A 41 7.47 31.07 35.75
CA SER A 41 7.67 29.82 36.48
C SER A 41 8.27 30.08 37.85
N PHE A 42 7.85 29.29 38.85
CA PHE A 42 8.39 29.45 40.19
C PHE A 42 9.88 29.16 40.23
N PHE A 43 10.35 28.25 39.39
CA PHE A 43 11.79 28.02 39.27
C PHE A 43 12.49 29.26 38.74
N ALA A 44 11.87 29.94 37.77
CA ALA A 44 12.43 31.18 37.25
C ALA A 44 12.45 32.27 38.33
N GLU A 45 11.42 32.30 39.18
CA GLU A 45 11.39 33.27 40.27
C GLU A 45 12.50 32.98 41.28
N ARG A 46 12.68 31.70 41.63
CA ARG A 46 13.76 31.34 42.56
C ARG A 46 15.12 31.68 41.96
N PHE A 47 15.28 31.46 40.65
CA PHE A 47 16.55 31.79 40.00
C PHE A 47 16.80 33.29 39.98
N PHE A 48 15.75 34.09 39.72
CA PHE A 48 15.90 35.53 39.76
C PHE A 48 16.23 36.01 41.17
N ALA A 49 15.66 35.34 42.18
CA ALA A 49 15.93 35.75 43.56
C ALA A 49 17.35 35.39 43.98
N LEU A 50 17.82 34.21 43.58
CA LEU A 50 19.15 33.75 43.96
C LEU A 50 20.25 34.28 43.07
N PHE A 51 19.92 34.90 41.93
CA PHE A 51 20.94 35.46 41.06
C PHE A 51 21.43 36.81 41.58
N ASP A 52 20.52 37.70 41.94
CA ASP A 52 20.88 38.98 42.55
C ASP A 52 21.26 38.70 43.99
N SER A 53 22.55 38.50 44.24
CA SER A 53 23.02 38.16 45.57
C SER A 53 22.72 39.27 46.57
N ASP A 54 22.67 40.52 46.12
CA ASP A 54 22.33 41.64 47.00
C ASP A 54 20.84 41.78 47.22
N ARG A 55 20.02 40.89 46.66
CA ARG A 55 18.56 40.94 46.80
C ARG A 55 18.00 42.27 46.29
N SER A 56 18.68 42.91 45.36
CA SER A 56 18.26 44.20 44.83
C SER A 56 17.19 44.08 43.76
N GLY A 57 16.81 42.86 43.36
CA GLY A 57 15.83 42.66 42.32
C GLY A 57 16.32 42.87 40.90
N THR A 58 17.39 43.64 40.71
CA THR A 58 17.98 43.86 39.40
C THR A 58 19.35 43.20 39.36
N ILE A 59 19.70 42.66 38.19
CA ILE A 59 20.92 41.89 38.00
C ILE A 59 21.96 42.81 37.40
N THR A 60 22.96 43.16 38.21
CA THR A 60 24.09 43.93 37.71
C THR A 60 25.03 43.03 36.91
N LEU A 61 25.97 43.66 36.21
CA LEU A 61 26.93 42.90 35.41
C LEU A 61 27.79 41.99 36.30
N GLN A 62 28.18 42.49 37.47
CA GLN A 62 28.99 41.69 38.38
C GLN A 62 28.20 40.51 38.92
N GLU A 63 26.93 40.74 39.29
CA GLU A 63 26.09 39.65 39.80
C GLU A 63 25.88 38.58 38.74
N LEU A 64 25.59 39.00 37.50
CA LEU A 64 25.39 38.03 36.43
C LEU A 64 26.69 37.27 36.12
N GLN A 65 27.82 37.96 36.15
CA GLN A 65 29.10 37.29 35.93
C GLN A 65 29.38 36.26 37.02
N GLU A 66 29.11 36.62 38.27
CA GLU A 66 29.31 35.67 39.37
C GLU A 66 28.37 34.49 39.24
N ALA A 67 27.12 34.72 38.86
CA ALA A 67 26.18 33.63 38.67
C ALA A 67 26.63 32.69 37.57
N LEU A 68 27.10 33.24 36.45
CA LEU A 68 27.58 32.41 35.35
C LEU A 68 28.84 31.63 35.74
N THR A 69 29.73 32.26 36.51
CA THR A 69 30.94 31.57 36.94
C THR A 69 30.62 30.45 37.92
N LEU A 70 29.62 30.66 38.78
CA LEU A 70 29.23 29.62 39.73
C LEU A 70 28.41 28.51 39.09
N LEU A 71 27.71 28.79 38.00
CA LEU A 71 26.92 27.77 37.33
C LEU A 71 27.76 26.96 36.35
N ILE A 72 28.36 27.63 35.36
CA ILE A 72 29.13 26.92 34.35
C ILE A 72 30.49 26.51 34.89
N HIS A 73 31.30 27.50 35.30
CA HIS A 73 32.64 27.22 35.79
C HIS A 73 32.66 26.74 37.24
N GLY A 74 31.56 26.85 37.96
CA GLY A 74 31.52 26.39 39.33
C GLY A 74 31.57 24.88 39.44
N SER A 75 32.05 24.41 40.59
CA SER A 75 32.14 22.99 40.83
C SER A 75 30.75 22.41 41.09
N PRO A 76 30.62 21.08 41.08
CA PRO A 76 29.32 20.47 41.38
C PRO A 76 28.80 20.81 42.77
N MET A 77 29.70 20.99 43.75
CA MET A 77 29.27 21.37 45.09
C MET A 77 28.64 22.77 45.08
N ASP A 78 29.19 23.68 44.28
CA ASP A 78 28.61 25.02 44.19
C ASP A 78 27.21 24.98 43.60
N LYS A 79 27.02 24.21 42.52
CA LYS A 79 25.69 24.06 41.94
C LYS A 79 24.74 23.40 42.91
N LEU A 80 25.22 22.42 43.68
CA LEU A 80 24.37 21.78 44.67
C LEU A 80 23.96 22.75 45.77
N LYS A 81 24.89 23.60 46.22
CA LYS A 81 24.55 24.61 47.21
C LYS A 81 23.54 25.61 46.67
N PHE A 82 23.70 26.01 45.41
CA PHE A 82 22.74 26.92 44.79
C PHE A 82 21.35 26.27 44.70
N LEU A 83 21.30 25.00 44.30
CA LEU A 83 20.03 24.29 44.22
C LEU A 83 19.39 24.14 45.59
N PHE A 84 20.20 23.90 46.62
CA PHE A 84 19.67 23.78 47.98
C PHE A 84 19.13 25.12 48.47
N GLN A 85 19.83 26.21 48.17
CA GLN A 85 19.36 27.54 48.56
C GLN A 85 18.06 27.87 47.84
N VAL A 86 17.93 27.46 46.57
CA VAL A 86 16.70 27.73 45.84
C VAL A 86 15.57 26.84 46.33
N TYR A 87 15.89 25.64 46.80
CA TYR A 87 14.85 24.70 47.23
C TYR A 87 14.27 25.10 48.59
N ASP A 88 15.11 25.55 49.50
CA ASP A 88 14.65 25.95 50.82
C ASP A 88 13.91 27.28 50.72
N ILE A 89 12.60 27.24 50.46
CA ILE A 89 11.82 28.46 50.34
C ILE A 89 11.82 29.26 51.63
N ASP A 90 12.13 28.62 52.76
CA ASP A 90 12.21 29.33 54.04
C ASP A 90 13.57 29.98 54.21
N ASP A 96 11.51 21.70 53.04
CA ASP A 96 10.93 20.51 53.65
C ASP A 96 9.97 19.81 52.69
N PRO A 97 9.07 18.98 53.24
CA PRO A 97 8.15 18.24 52.35
C PRO A 97 7.18 19.14 51.62
N ASP A 98 6.69 20.21 52.26
CA ASP A 98 5.77 21.12 51.59
C ASP A 98 6.48 21.94 50.53
N GLU A 99 7.67 22.45 50.86
CA GLU A 99 8.47 23.18 49.87
C GLU A 99 8.87 22.26 48.72
N LEU A 100 9.22 21.01 49.04
CA LEU A 100 9.54 20.06 47.98
C LEU A 100 8.33 19.79 47.09
N ARG A 101 7.14 19.67 47.69
CA ARG A 101 5.94 19.46 46.89
C ARG A 101 5.64 20.65 46.00
N THR A 102 5.83 21.87 46.51
CA THR A 102 5.61 23.06 45.71
C THR A 102 6.61 23.14 44.55
N VAL A 103 7.88 22.84 44.84
CA VAL A 103 8.90 22.88 43.79
C VAL A 103 8.62 21.82 42.73
N LEU A 104 8.18 20.63 43.16
CA LEU A 104 7.87 19.58 42.20
C LEU A 104 6.64 19.93 41.38
N GLN A 105 5.66 20.59 41.99
CA GLN A 105 4.49 21.06 41.24
C GLN A 105 4.90 22.08 40.19
N SER A 106 5.76 23.03 40.57
CA SER A 106 6.24 24.01 39.60
C SER A 106 7.01 23.33 38.47
N CYS A 107 7.85 22.35 38.80
CA CYS A 107 8.61 21.64 37.79
C CYS A 107 7.68 20.89 36.83
N LEU A 108 6.73 20.13 37.38
CA LEU A 108 5.78 19.40 36.54
C LEU A 108 4.98 20.37 35.67
N ARG A 109 4.67 21.55 36.19
CA ARG A 109 4.04 22.58 35.36
C ARG A 109 4.97 23.00 34.23
N GLU A 110 6.27 23.07 34.51
CA GLU A 110 7.23 23.35 33.46
C GLU A 110 7.58 22.12 32.64
N SER A 111 7.45 20.93 33.23
CA SER A 111 7.78 19.68 32.55
C SER A 111 6.57 19.02 31.90
N ALA A 112 5.39 19.64 31.99
CA ALA A 112 4.15 19.07 31.44
C ALA A 112 3.85 17.70 32.02
N ILE A 113 4.26 17.46 33.26
CA ILE A 113 4.04 16.18 33.93
C ILE A 113 2.71 16.31 34.66
N SER A 114 1.65 15.78 34.04
CA SER A 114 0.31 15.83 34.61
C SER A 114 0.12 14.57 35.45
N LEU A 115 0.33 14.69 36.75
CA LEU A 115 0.21 13.61 37.70
C LEU A 115 -0.90 13.89 38.70
N PRO A 116 -1.45 12.85 39.33
CA PRO A 116 -2.51 13.08 40.33
C PRO A 116 -1.96 13.72 41.59
N ASP A 117 -2.86 14.37 42.32
CA ASP A 117 -2.48 15.00 43.59
C ASP A 117 -1.98 13.96 44.58
N GLU A 118 -2.65 12.80 44.65
CA GLU A 118 -2.17 11.72 45.50
C GLU A 118 -0.84 11.16 45.01
N LYS A 119 -0.65 11.11 43.69
CA LYS A 119 0.64 10.69 43.15
C LYS A 119 1.75 11.63 43.58
N LEU A 120 1.51 12.94 43.47
CA LEU A 120 2.52 13.91 43.91
C LEU A 120 2.74 13.84 45.42
N ASP A 121 1.69 13.57 46.19
CA ASP A 121 1.84 13.44 47.63
C ASP A 121 2.72 12.24 47.99
N GLN A 122 2.44 11.09 47.37
CA GLN A 122 3.26 9.90 47.62
C GLN A 122 4.69 10.11 47.14
N LEU A 123 4.87 10.82 46.03
CA LEU A 123 6.22 11.09 45.54
C LEU A 123 6.99 11.97 46.52
N THR A 124 6.34 13.03 47.02
CA THR A 124 6.99 13.89 48.01
C THR A 124 7.30 13.12 49.28
N LEU A 125 6.40 12.22 49.69
CA LEU A 125 6.65 11.42 50.89
C LEU A 125 7.84 10.51 50.70
N ALA A 126 7.91 9.82 49.56
CA ALA A 126 9.04 8.92 49.29
C ALA A 126 10.34 9.71 49.20
N LEU A 127 10.30 10.90 48.60
CA LEU A 127 11.50 11.72 48.49
C LEU A 127 11.97 12.19 49.86
N PHE A 128 11.05 12.63 50.71
CA PHE A 128 11.41 13.03 52.06
C PHE A 128 11.94 11.85 52.87
N GLU A 129 11.42 10.65 52.62
CA GLU A 129 11.90 9.47 53.33
C GLU A 129 13.32 9.10 52.90
N SER A 130 13.57 9.07 51.59
CA SER A 130 14.86 8.60 51.09
C SER A 130 15.94 9.68 51.13
N ALA A 131 15.57 10.95 51.21
CA ALA A 131 16.54 12.04 51.20
C ALA A 131 16.88 12.54 52.61
N ASP A 132 15.87 12.87 53.40
CA ASP A 132 16.09 13.37 54.75
C ASP A 132 16.55 12.23 55.65
N ALA A 133 17.77 12.33 56.17
CA ALA A 133 18.32 11.29 57.03
C ALA A 133 18.19 11.70 58.50
N GLY A 137 12.99 15.21 59.38
CA GLY A 137 12.58 16.54 59.78
C GLY A 137 12.78 17.57 58.69
N ALA A 138 13.97 17.62 58.13
CA ALA A 138 14.28 18.56 57.06
C ALA A 138 15.43 18.00 56.23
N ILE A 139 15.37 18.26 54.92
CA ILE A 139 16.43 17.80 54.01
C ILE A 139 17.68 18.60 54.30
N THR A 140 18.69 17.94 54.88
CA THR A 140 19.95 18.60 55.18
C THR A 140 20.80 18.72 53.92
N PHE A 141 21.53 19.84 53.82
CA PHE A 141 22.37 20.07 52.65
C PHE A 141 23.43 18.99 52.50
N GLU A 142 24.02 18.57 53.62
CA GLU A 142 24.94 17.43 53.57
C GLU A 142 24.20 16.16 53.19
N GLU A 143 23.02 15.93 53.78
CA GLU A 143 22.20 14.80 53.37
C GLU A 143 21.76 14.94 51.93
N LEU A 144 21.50 16.17 51.48
CA LEU A 144 21.12 16.39 50.09
C LEU A 144 22.25 15.99 49.15
N ARG A 145 23.49 16.38 49.46
CA ARG A 145 24.62 15.99 48.63
C ARG A 145 24.86 14.48 48.69
N ASP A 146 24.71 13.88 49.87
CA ASP A 146 24.90 12.44 49.99
C ASP A 146 23.87 11.68 49.18
N GLU A 147 22.63 12.17 49.13
CA GLU A 147 21.61 11.53 48.31
C GLU A 147 21.88 11.75 46.82
N LEU A 148 22.21 12.98 46.44
CA LEU A 148 22.50 13.28 45.04
C LEU A 148 23.72 12.51 44.53
N GLN A 149 24.61 12.08 45.43
CA GLN A 149 25.71 11.23 45.01
C GLN A 149 25.21 9.94 44.36
N ARG A 150 24.01 9.49 44.73
CA ARG A 150 23.45 8.31 44.07
C ARG A 150 23.18 8.56 42.60
N PHE A 151 22.85 9.78 42.23
CA PHE A 151 22.66 10.13 40.83
C PHE A 151 23.99 10.07 40.11
N PRO A 152 24.19 9.14 39.18
CA PRO A 152 25.52 9.00 38.55
C PRO A 152 25.77 10.10 37.53
N GLY A 153 26.92 10.77 37.66
CA GLY A 153 27.33 11.80 36.74
C GLY A 153 26.54 13.09 36.79
N VAL A 154 25.39 13.12 37.49
CA VAL A 154 24.57 14.32 37.54
C VAL A 154 25.27 15.46 38.26
N MET A 155 26.27 15.17 39.08
CA MET A 155 26.99 16.22 39.80
C MET A 155 27.63 17.19 38.83
N GLU A 156 28.54 16.70 37.98
CA GLU A 156 29.18 17.57 37.00
C GLU A 156 28.20 17.95 35.89
N ASN A 157 27.29 17.02 35.53
CA ASN A 157 26.31 17.30 34.49
C ASN A 157 25.24 18.29 34.93
N LEU A 158 25.21 18.67 36.21
CA LEU A 158 24.23 19.63 36.69
C LEU A 158 24.40 20.97 35.96
N THR A 159 23.36 21.39 35.25
CA THR A 159 23.39 22.64 34.51
C THR A 159 21.97 23.16 34.38
N ILE A 160 21.77 24.44 34.75
CA ILE A 160 20.44 25.02 34.68
C ILE A 160 20.02 25.15 33.22
N SER A 161 18.73 24.91 32.97
CA SER A 161 18.21 24.98 31.62
C SER A 161 18.21 26.40 31.07
N ALA A 162 18.31 27.41 31.94
CA ALA A 162 18.37 28.80 31.47
C ALA A 162 19.65 29.10 30.72
N ALA A 163 20.71 28.35 30.97
CA ALA A 163 21.99 28.52 30.29
C ALA A 163 22.00 27.91 28.90
N HIS A 164 20.86 27.50 28.36
CA HIS A 164 20.80 26.93 27.02
C HIS A 164 21.27 27.91 25.96
N TRP A 165 21.27 29.20 26.26
CA TRP A 165 21.77 30.19 25.30
C TRP A 165 23.22 29.94 24.95
N LEU A 166 24.02 29.47 25.91
CA LEU A 166 25.42 29.18 25.68
C LEU A 166 25.68 27.68 25.68
N THR A 182 14.36 29.07 5.19
CA THR A 182 15.44 28.28 5.78
C THR A 182 15.47 26.89 5.16
N ARG A 183 16.69 26.40 4.89
CA ARG A 183 16.86 25.08 4.30
C ARG A 183 16.55 23.95 5.28
N ALA A 184 16.36 24.26 6.57
CA ALA A 184 16.07 23.21 7.54
C ALA A 184 14.77 22.49 7.21
N TYR A 185 13.67 23.24 7.06
CA TYR A 185 12.44 22.62 6.61
C TYR A 185 12.47 22.26 5.13
N TRP A 186 13.38 22.86 4.35
CA TRP A 186 13.56 22.43 2.97
C TRP A 186 14.06 21.00 2.90
N HIS A 187 14.81 20.56 3.91
CA HIS A 187 15.27 19.18 3.95
C HIS A 187 14.11 18.21 3.89
N ASN A 188 12.99 18.55 4.54
CA ASN A 188 11.78 17.74 4.40
C ASN A 188 11.02 18.11 3.12
N HIS A 189 10.99 19.39 2.78
CA HIS A 189 10.29 19.90 1.61
C HIS A 189 11.07 19.71 0.32
N ARG A 190 12.14 18.93 0.34
CA ARG A 190 12.94 18.68 -0.87
C ARG A 190 12.12 17.95 -1.91
N SER A 191 10.93 17.48 -1.55
CA SER A 191 10.04 16.78 -2.45
C SER A 191 8.78 17.54 -2.79
N GLN A 192 8.27 18.37 -1.87
CA GLN A 192 7.11 19.20 -2.17
C GLN A 192 7.53 20.41 -3.02
N LEU A 193 8.61 21.09 -2.61
CA LEU A 193 9.11 22.21 -3.39
C LEU A 193 9.48 21.78 -4.80
N PHE A 194 9.88 20.53 -4.98
CA PHE A 194 10.08 20.01 -6.34
C PHE A 194 8.80 20.13 -7.15
N CYS A 195 7.66 19.72 -6.57
CA CYS A 195 6.40 19.79 -7.30
C CYS A 195 5.97 21.22 -7.54
N LEU A 196 6.10 22.08 -6.52
CA LEU A 196 5.74 23.48 -6.72
C LEU A 196 6.61 24.13 -7.80
N ALA A 197 7.89 23.80 -7.83
CA ALA A 197 8.79 24.39 -8.81
C ALA A 197 8.47 23.91 -10.22
N THR A 198 8.28 22.59 -10.41
CA THR A 198 7.94 22.11 -11.74
C THR A 198 6.59 22.66 -12.19
N TYR A 199 5.67 22.89 -11.24
CA TYR A 199 4.39 23.50 -11.59
C TYR A 199 4.57 24.93 -12.07
N ALA A 200 5.33 25.73 -11.32
CA ALA A 200 5.60 27.10 -11.76
C ALA A 200 6.32 27.12 -13.09
N GLY A 201 7.18 26.14 -13.33
CA GLY A 201 7.87 26.06 -14.61
C GLY A 201 6.94 25.74 -15.75
N LEU A 202 6.06 24.76 -15.56
CA LEU A 202 5.08 24.40 -16.58
C LEU A 202 4.01 25.45 -16.75
N HIS A 203 3.94 26.45 -15.87
CA HIS A 203 3.12 27.63 -16.15
C HIS A 203 3.88 28.73 -16.89
N VAL A 204 5.10 29.06 -16.45
CA VAL A 204 5.83 30.10 -17.15
C VAL A 204 6.14 29.65 -18.58
N LEU A 205 6.29 28.34 -18.80
CA LEU A 205 6.50 27.82 -20.15
C LEU A 205 5.31 28.12 -21.05
N LEU A 206 4.10 27.73 -20.60
CA LEU A 206 2.91 27.99 -21.40
C LEU A 206 2.71 29.48 -21.62
N PHE A 207 2.94 30.28 -20.58
CA PHE A 207 2.75 31.72 -20.71
C PHE A 207 3.67 32.30 -21.77
N GLY A 208 4.97 31.96 -21.71
CA GLY A 208 5.89 32.45 -22.72
C GLY A 208 5.60 31.90 -24.11
N LEU A 209 5.18 30.63 -24.20
CA LEU A 209 4.84 30.04 -25.49
C LEU A 209 3.71 30.81 -26.15
N ALA A 210 2.65 31.10 -25.38
CA ALA A 210 1.52 31.83 -25.93
C ALA A 210 1.85 33.31 -26.16
N ALA A 211 2.73 33.90 -25.36
CA ALA A 211 3.05 35.31 -25.54
C ALA A 211 3.93 35.54 -26.77
N SER A 212 4.87 34.62 -27.03
CA SER A 212 5.75 34.78 -28.18
C SER A 212 4.97 34.65 -29.49
N ALA A 213 4.03 33.72 -29.55
CA ALA A 213 3.23 33.54 -30.75
C ALA A 213 2.31 34.72 -31.04
N HIS A 214 2.04 35.56 -30.05
CA HIS A 214 1.11 36.67 -30.21
C HIS A 214 1.67 37.94 -29.60
N ARG A 215 2.95 38.20 -29.83
CA ARG A 215 3.54 39.46 -29.36
C ARG A 215 3.06 40.65 -30.16
N ASP A 216 2.64 40.42 -31.42
CA ASP A 216 2.23 41.52 -32.28
C ASP A 216 1.10 42.33 -31.66
N LEU A 217 0.17 41.67 -30.97
CA LEU A 217 -0.91 42.38 -30.31
C LEU A 217 -0.35 43.25 -29.18
N GLY A 218 -0.99 44.41 -28.97
CA GLY A 218 -0.42 45.38 -28.06
C GLY A 218 -0.83 45.21 -26.62
N ALA A 219 0.02 44.55 -25.84
CA ALA A 219 -0.01 44.57 -24.38
C ALA A 219 -1.29 44.00 -23.77
N SER A 220 -2.23 43.55 -24.59
CA SER A 220 -3.50 43.09 -24.07
C SER A 220 -3.79 41.63 -24.39
N VAL A 221 -3.80 41.26 -25.67
CA VAL A 221 -4.13 39.88 -26.01
C VAL A 221 -2.99 38.94 -25.69
N MET A 222 -1.78 39.45 -25.44
CA MET A 222 -0.67 38.59 -25.08
C MET A 222 -0.93 37.90 -23.74
N VAL A 223 -1.17 38.69 -22.68
CA VAL A 223 -1.48 38.10 -21.39
C VAL A 223 -2.80 37.36 -21.44
N ALA A 224 -3.75 37.83 -22.26
CA ALA A 224 -5.02 37.14 -22.39
C ALA A 224 -4.84 35.73 -22.91
N LYS A 225 -4.01 35.56 -23.93
CA LYS A 225 -3.81 34.23 -24.50
C LYS A 225 -2.88 33.38 -23.64
N GLY A 226 -1.91 34.01 -22.97
CA GLY A 226 -1.12 33.28 -22.00
C GLY A 226 -1.98 32.67 -20.91
N CYS A 227 -2.84 33.49 -20.30
CA CYS A 227 -3.77 32.97 -19.31
C CYS A 227 -4.75 32.00 -19.93
N GLY A 228 -5.10 32.17 -21.21
CA GLY A 228 -5.92 31.17 -21.86
C GLY A 228 -5.28 29.80 -21.82
N GLN A 229 -4.00 29.73 -22.19
CA GLN A 229 -3.32 28.44 -22.20
C GLN A 229 -3.15 27.89 -20.79
N CYS A 230 -2.77 28.76 -19.85
CA CYS A 230 -2.60 28.29 -18.47
C CYS A 230 -3.92 27.77 -17.90
N LEU A 231 -5.04 28.42 -18.26
CA LEU A 231 -6.35 27.90 -17.87
C LEU A 231 -6.61 26.56 -18.51
N ASN A 232 -6.35 26.42 -19.82
CA ASN A 232 -6.52 25.13 -20.46
C ASN A 232 -5.78 24.03 -19.72
N PHE A 233 -4.63 24.37 -19.13
CA PHE A 233 -3.90 23.35 -18.37
C PHE A 233 -4.50 23.11 -16.99
N ASP A 234 -4.72 24.18 -16.23
CA ASP A 234 -5.17 24.02 -14.84
C ASP A 234 -6.57 23.46 -14.76
N CYS A 235 -7.55 24.12 -15.41
CA CYS A 235 -8.92 23.60 -15.38
C CYS A 235 -9.00 22.16 -15.86
N SER A 236 -7.96 21.64 -16.49
CA SER A 236 -7.95 20.27 -16.96
C SER A 236 -7.36 19.32 -15.91
N PHE A 237 -6.21 19.69 -15.33
CA PHE A 237 -5.50 18.77 -14.44
C PHE A 237 -5.90 18.90 -12.97
N ILE A 238 -6.61 19.97 -12.62
CA ILE A 238 -7.02 20.15 -11.23
C ILE A 238 -7.88 19.00 -10.76
N ALA A 239 -8.57 18.32 -11.66
CA ALA A 239 -9.39 17.19 -11.25
C ALA A 239 -8.63 15.88 -11.26
N VAL A 240 -7.67 15.72 -12.19
CA VAL A 240 -6.88 14.50 -12.15
C VAL A 240 -6.02 14.47 -10.90
N LEU A 241 -5.81 15.63 -10.25
CA LEU A 241 -5.26 15.57 -8.90
C LEU A 241 -6.16 14.79 -7.95
N MET A 242 -7.48 14.88 -8.14
CA MET A 242 -8.44 14.26 -7.22
C MET A 242 -8.84 12.86 -7.71
N LEU A 243 -7.89 11.94 -7.65
CA LEU A 243 -8.13 10.54 -7.98
C LEU A 243 -8.02 9.74 -6.69
N ARG A 244 -9.15 9.59 -5.99
CA ARG A 244 -9.17 8.85 -4.73
C ARG A 244 -8.94 7.35 -4.93
N ARG A 245 -8.84 6.89 -6.17
CA ARG A 245 -8.70 5.47 -6.47
C ARG A 245 -7.33 5.11 -7.04
N CYS A 246 -6.83 5.87 -8.01
CA CYS A 246 -5.52 5.57 -8.58
C CYS A 246 -4.39 6.00 -7.66
N LEU A 247 -4.60 7.08 -6.90
CA LEU A 247 -3.58 7.54 -5.96
C LEU A 247 -3.24 6.46 -4.94
N THR A 248 -4.25 5.74 -4.44
CA THR A 248 -4.01 4.67 -3.50
C THR A 248 -3.08 3.62 -4.11
N TRP A 249 -3.34 3.22 -5.35
CA TRP A 249 -2.43 2.30 -6.03
C TRP A 249 -1.04 2.91 -6.17
N LEU A 250 -0.96 4.24 -6.32
CA LEU A 250 0.33 4.91 -6.38
C LEU A 250 0.91 5.14 -5.00
N ARG A 251 0.05 5.24 -3.99
CA ARG A 251 0.51 5.42 -2.61
C ARG A 251 1.33 4.24 -2.13
N ALA A 252 1.06 3.04 -2.64
CA ALA A 252 1.79 1.86 -2.19
C ALA A 252 3.20 1.82 -2.80
N THR A 253 3.38 2.40 -3.97
CA THR A 253 4.66 2.35 -4.65
C THR A 253 5.63 3.39 -4.11
N TRP A 254 6.91 3.23 -4.47
CA TRP A 254 7.95 4.16 -4.05
C TRP A 254 7.72 5.57 -4.58
N LEU A 255 6.76 5.76 -5.50
CA LEU A 255 6.39 7.11 -5.89
C LEU A 255 5.87 7.89 -4.69
N ALA A 256 5.26 7.21 -3.72
CA ALA A 256 4.92 7.88 -2.47
C ALA A 256 6.17 8.32 -1.73
N GLN A 257 7.27 7.57 -1.88
CA GLN A 257 8.52 7.98 -1.25
C GLN A 257 9.13 9.19 -1.94
N VAL A 258 9.01 9.28 -3.26
CA VAL A 258 9.71 10.37 -3.96
C VAL A 258 8.91 11.67 -3.89
N LEU A 259 7.63 11.65 -4.26
CA LEU A 259 6.82 12.85 -4.25
C LEU A 259 5.63 12.71 -3.31
N PRO A 260 5.11 13.83 -2.78
CA PRO A 260 4.04 13.74 -1.77
C PRO A 260 2.72 13.33 -2.40
N LEU A 261 2.08 12.33 -1.79
CA LEU A 261 0.77 11.86 -2.24
C LEU A 261 -0.32 12.06 -1.20
N ASP A 262 0.03 12.47 0.02
CA ASP A 262 -0.99 12.75 1.03
C ASP A 262 -1.49 14.19 0.94
N GLN A 263 -0.62 15.12 0.53
CA GLN A 263 -0.98 16.52 0.40
C GLN A 263 -1.58 16.87 -0.95
N ASN A 264 -2.17 15.90 -1.64
CA ASN A 264 -2.80 16.21 -2.92
C ASN A 264 -3.92 17.23 -2.76
N ILE A 265 -4.65 17.18 -1.64
CA ILE A 265 -5.77 18.09 -1.45
C ILE A 265 -5.29 19.53 -1.41
N GLN A 266 -4.14 19.78 -0.78
CA GLN A 266 -3.66 21.15 -0.69
C GLN A 266 -3.11 21.63 -2.02
N PHE A 267 -2.44 20.76 -2.78
CA PHE A 267 -2.02 21.14 -4.11
C PHE A 267 -3.21 21.44 -5.00
N HIS A 268 -4.30 20.69 -4.81
CA HIS A 268 -5.53 20.93 -5.56
C HIS A 268 -6.17 22.26 -5.19
N GLN A 269 -6.23 22.56 -3.89
CA GLN A 269 -6.72 23.87 -3.46
C GLN A 269 -5.86 24.99 -4.04
N LEU A 270 -4.54 24.77 -4.09
CA LEU A 270 -3.65 25.79 -4.64
C LEU A 270 -3.90 25.99 -6.12
N MET A 271 -4.08 24.89 -6.86
CA MET A 271 -4.41 25.02 -8.27
C MET A 271 -5.75 25.70 -8.46
N GLY A 272 -6.69 25.51 -7.53
CA GLY A 272 -7.95 26.24 -7.62
C GLY A 272 -7.77 27.72 -7.39
N TYR A 273 -6.95 28.09 -6.40
CA TYR A 273 -6.69 29.49 -6.14
C TYR A 273 -6.04 30.15 -7.36
N VAL A 274 -5.10 29.46 -8.00
CA VAL A 274 -4.46 30.06 -9.16
C VAL A 274 -5.39 30.06 -10.36
N VAL A 275 -6.32 29.10 -10.44
CA VAL A 275 -7.34 29.16 -11.49
C VAL A 275 -8.18 30.41 -11.32
N VAL A 276 -8.55 30.74 -10.07
CA VAL A 276 -9.36 31.93 -9.85
C VAL A 276 -8.56 33.19 -10.19
N GLY A 277 -7.31 33.25 -9.72
CA GLY A 277 -6.50 34.43 -10.04
C GLY A 277 -6.26 34.60 -11.52
N LEU A 278 -5.96 33.51 -12.21
CA LEU A 278 -5.71 33.54 -13.63
C LEU A 278 -6.97 33.90 -14.41
N SER A 279 -8.12 33.34 -14.03
CA SER A 279 -9.37 33.73 -14.64
C SER A 279 -9.63 35.21 -14.46
N LEU A 280 -9.30 35.74 -13.28
CA LEU A 280 -9.52 37.16 -13.04
C LEU A 280 -8.68 38.01 -14.00
N VAL A 281 -7.38 37.71 -14.08
CA VAL A 281 -6.53 38.51 -14.94
C VAL A 281 -6.91 38.31 -16.41
N HIS A 282 -7.44 37.14 -16.75
CA HIS A 282 -7.82 36.88 -18.14
C HIS A 282 -9.06 37.66 -18.53
N THR A 283 -10.07 37.67 -17.65
CA THR A 283 -11.23 38.50 -17.92
C THR A 283 -10.86 39.97 -18.00
N VAL A 284 -10.00 40.46 -17.11
CA VAL A 284 -9.69 41.88 -17.20
C VAL A 284 -8.88 42.16 -18.47
N ALA A 285 -8.06 41.21 -18.92
CA ALA A 285 -7.35 41.40 -20.18
C ALA A 285 -8.32 41.52 -21.34
N HIS A 286 -9.26 40.58 -21.46
CA HIS A 286 -10.19 40.65 -22.58
C HIS A 286 -11.11 41.87 -22.47
N THR A 287 -11.44 42.31 -21.26
CA THR A 287 -12.32 43.48 -21.17
C THR A 287 -11.56 44.74 -21.54
N VAL A 288 -10.28 44.83 -21.20
CA VAL A 288 -9.49 45.98 -21.64
C VAL A 288 -9.34 45.96 -23.16
N ASN A 289 -9.15 44.76 -23.74
CA ASN A 289 -9.12 44.63 -25.19
C ASN A 289 -10.42 45.15 -25.81
N PHE A 290 -11.55 44.70 -25.28
CA PHE A 290 -12.85 45.07 -25.83
C PHE A 290 -13.08 46.57 -25.74
N VAL A 291 -12.77 47.18 -24.59
CA VAL A 291 -12.99 48.61 -24.44
C VAL A 291 -12.02 49.40 -25.29
N LEU A 292 -10.83 48.86 -25.55
CA LEU A 292 -9.92 49.51 -26.50
C LEU A 292 -10.48 49.46 -27.91
N GLN A 293 -11.12 48.35 -28.28
CA GLN A 293 -11.69 48.25 -29.62
C GLN A 293 -13.00 49.01 -29.73
N ALA A 294 -13.77 49.10 -28.63
CA ALA A 294 -15.03 49.81 -28.63
C ALA A 294 -14.89 51.27 -28.22
N GLN A 295 -13.67 51.79 -28.22
CA GLN A 295 -13.43 53.18 -27.86
C GLN A 295 -13.67 54.09 -29.07
N GLY A 319 -21.33 33.68 -31.86
CA GLY A 319 -20.90 34.32 -30.64
C GLY A 319 -20.90 33.39 -29.44
N SER A 320 -19.71 33.19 -28.87
CA SER A 320 -19.58 32.36 -27.67
C SER A 320 -18.76 33.08 -26.60
N ALA A 321 -17.89 34.00 -27.01
CA ALA A 321 -16.89 34.59 -26.13
C ALA A 321 -17.50 35.25 -24.90
N SER A 322 -18.27 36.32 -25.10
CA SER A 322 -18.79 37.05 -23.94
C SER A 322 -19.81 36.27 -23.13
N PRO A 323 -20.80 35.58 -23.70
CA PRO A 323 -21.76 34.88 -22.83
C PRO A 323 -21.13 33.78 -22.01
N THR A 324 -20.42 32.84 -22.63
CA THR A 324 -19.79 31.78 -21.87
C THR A 324 -18.70 32.33 -20.96
N GLY A 325 -18.11 33.47 -21.33
CA GLY A 325 -17.14 34.09 -20.45
C GLY A 325 -17.77 34.56 -19.15
N VAL A 326 -18.88 35.30 -19.25
CA VAL A 326 -19.58 35.72 -18.04
C VAL A 326 -20.03 34.51 -17.24
N ALA A 327 -20.49 33.47 -17.93
CA ALA A 327 -20.97 32.29 -17.23
C ALA A 327 -19.85 31.62 -16.44
N LEU A 328 -18.70 31.42 -17.07
CA LEU A 328 -17.58 30.77 -16.39
C LEU A 328 -17.03 31.64 -15.28
N LEU A 329 -16.97 32.95 -15.48
CA LEU A 329 -16.48 33.83 -14.43
C LEU A 329 -17.38 33.77 -13.20
N LEU A 330 -18.69 33.89 -13.41
CA LEU A 330 -19.62 33.84 -12.28
C LEU A 330 -19.58 32.47 -11.61
N LEU A 331 -19.46 31.40 -12.41
CA LEU A 331 -19.44 30.06 -11.83
C LEU A 331 -18.19 29.84 -10.99
N LEU A 332 -17.03 30.28 -11.50
CA LEU A 332 -15.80 30.14 -10.72
C LEU A 332 -15.83 30.99 -9.46
N LEU A 333 -16.44 32.18 -9.53
CA LEU A 333 -16.58 32.96 -8.31
C LEU A 333 -17.51 32.27 -7.32
N LEU A 334 -18.59 31.65 -7.81
CA LEU A 334 -19.48 30.92 -6.91
C LEU A 334 -18.74 29.77 -6.23
N MET A 335 -17.93 29.03 -6.99
CA MET A 335 -17.19 27.92 -6.39
C MET A 335 -16.14 28.43 -5.40
N PHE A 336 -15.47 29.53 -5.73
CA PHE A 336 -14.47 30.08 -4.84
C PHE A 336 -15.08 30.69 -3.59
N ILE A 337 -16.36 31.05 -3.64
CA ILE A 337 -17.04 31.54 -2.44
C ILE A 337 -17.56 30.37 -1.60
N CYS A 338 -18.25 29.42 -2.24
CA CYS A 338 -18.83 28.28 -1.54
C CYS A 338 -17.88 27.11 -1.45
N SER A 339 -16.57 27.36 -1.50
CA SER A 339 -15.59 26.32 -1.20
C SER A 339 -14.46 26.84 -0.34
N SER A 340 -14.73 27.82 0.52
CA SER A 340 -13.76 28.26 1.51
C SER A 340 -13.90 27.42 2.78
N SER A 341 -13.10 27.76 3.79
CA SER A 341 -13.16 26.99 5.04
C SER A 341 -14.45 27.26 5.79
N CYS A 342 -14.97 28.49 5.72
CA CYS A 342 -16.14 28.86 6.50
C CYS A 342 -17.37 28.05 6.14
N ILE A 343 -17.45 27.51 4.93
CA ILE A 343 -18.63 26.75 4.53
C ILE A 343 -18.69 25.43 5.27
N ARG A 344 -17.54 24.91 5.73
CA ARG A 344 -17.53 23.65 6.46
C ARG A 344 -17.28 23.83 7.95
N ARG A 345 -16.60 24.90 8.37
CA ARG A 345 -16.43 25.14 9.80
C ARG A 345 -17.78 25.22 10.50
N SER A 346 -18.71 26.00 9.96
CA SER A 346 -20.01 26.24 10.57
C SER A 346 -21.10 26.13 9.53
N GLY A 347 -21.06 25.06 8.75
CA GLY A 347 -22.05 24.86 7.71
C GLY A 347 -22.30 23.41 7.36
N HIS A 348 -23.05 23.19 6.29
CA HIS A 348 -23.39 21.84 5.86
C HIS A 348 -22.35 21.34 4.88
N PHE A 349 -21.71 20.23 5.23
CA PHE A 349 -20.84 19.56 4.26
C PHE A 349 -21.62 19.19 3.00
N GLU A 350 -22.93 18.96 3.15
CA GLU A 350 -23.76 18.67 1.97
C GLU A 350 -23.90 19.90 1.09
N VAL A 351 -24.04 21.09 1.69
CA VAL A 351 -24.13 22.31 0.89
C VAL A 351 -22.82 22.54 0.15
N PHE A 352 -21.68 22.37 0.84
CA PHE A 352 -20.40 22.42 0.17
C PHE A 352 -20.38 21.48 -1.03
N TYR A 353 -20.79 20.23 -0.83
CA TYR A 353 -20.71 19.26 -1.92
C TYR A 353 -21.59 19.69 -3.09
N TRP A 354 -22.82 20.12 -2.82
CA TRP A 354 -23.71 20.46 -3.91
C TRP A 354 -23.22 21.69 -4.67
N THR A 355 -22.90 22.78 -3.97
CA THR A 355 -22.39 23.95 -4.68
C THR A 355 -21.13 23.61 -5.46
N HIS A 356 -20.13 23.03 -4.80
CA HIS A 356 -18.90 22.73 -5.50
C HIS A 356 -19.01 21.50 -6.40
N LEU A 357 -20.22 20.98 -6.63
CA LEU A 357 -20.41 20.04 -7.72
C LEU A 357 -20.41 20.73 -9.08
N SER A 358 -20.45 22.06 -9.11
CA SER A 358 -20.58 22.80 -10.36
C SER A 358 -19.35 22.70 -11.24
N TYR A 359 -18.35 21.90 -10.88
CA TYR A 359 -17.22 21.69 -11.78
C TYR A 359 -17.66 21.06 -13.09
N LEU A 360 -18.69 20.20 -13.04
CA LEU A 360 -19.26 19.66 -14.28
C LEU A 360 -19.73 20.79 -15.19
N LEU A 361 -20.49 21.73 -14.63
CA LEU A 361 -21.02 22.84 -15.42
C LEU A 361 -19.90 23.72 -15.93
N VAL A 362 -18.87 23.96 -15.11
CA VAL A 362 -17.73 24.77 -15.55
C VAL A 362 -17.04 24.11 -16.74
N TRP A 363 -16.75 22.82 -16.62
CA TRP A 363 -16.12 22.11 -17.73
C TRP A 363 -16.99 22.16 -18.98
N LEU A 364 -18.29 21.92 -18.82
CA LEU A 364 -19.21 21.96 -19.96
C LEU A 364 -19.13 23.30 -20.66
N LEU A 365 -19.37 24.38 -19.93
CA LEU A 365 -19.34 25.70 -20.55
C LEU A 365 -17.96 26.05 -21.07
N LEU A 366 -16.91 25.39 -20.57
CA LEU A 366 -15.58 25.62 -21.11
C LEU A 366 -15.33 24.86 -22.40
N ILE A 367 -16.07 23.77 -22.66
CA ILE A 367 -15.89 23.05 -23.92
C ILE A 367 -16.12 23.98 -25.10
N PHE A 368 -17.32 24.53 -25.22
CA PHE A 368 -17.57 25.49 -26.31
C PHE A 368 -17.34 26.92 -25.83
N HIS A 369 -16.22 27.12 -25.18
CA HIS A 369 -15.65 28.43 -24.94
C HIS A 369 -14.19 28.47 -25.35
N GLY A 370 -13.43 27.41 -25.08
CA GLY A 370 -12.10 27.26 -25.57
C GLY A 370 -12.08 26.26 -26.70
N PRO A 371 -11.84 26.73 -27.93
CA PRO A 371 -12.04 25.85 -29.09
C PRO A 371 -11.17 24.61 -29.06
N ASN A 372 -9.95 24.73 -28.53
CA ASN A 372 -9.04 23.60 -28.44
C ASN A 372 -8.95 23.05 -27.01
N PHE A 373 -9.91 23.43 -26.15
CA PHE A 373 -9.86 23.00 -24.75
C PHE A 373 -10.11 21.52 -24.59
N TRP A 374 -11.02 20.95 -25.41
CA TRP A 374 -11.30 19.53 -25.29
C TRP A 374 -10.05 18.69 -25.53
N LYS A 375 -9.09 19.20 -26.31
CA LYS A 375 -7.81 18.51 -26.46
C LYS A 375 -7.15 18.29 -25.10
N TRP A 376 -7.20 19.29 -24.23
CA TRP A 376 -6.72 19.10 -22.88
C TRP A 376 -7.64 18.18 -22.09
N LEU A 377 -8.94 18.47 -22.10
CA LEU A 377 -9.88 17.76 -21.24
C LEU A 377 -10.04 16.29 -21.60
N LEU A 378 -9.51 15.84 -22.74
CA LEU A 378 -9.69 14.45 -23.15
C LEU A 378 -9.19 13.48 -22.08
N VAL A 379 -7.91 13.56 -21.73
CA VAL A 379 -7.32 12.56 -20.85
C VAL A 379 -7.80 12.74 -19.41
N PRO A 380 -7.63 13.91 -18.78
CA PRO A 380 -8.07 14.03 -17.38
C PRO A 380 -9.56 13.86 -17.20
N GLY A 381 -10.37 14.39 -18.11
CA GLY A 381 -11.81 14.23 -17.98
C GLY A 381 -12.24 12.77 -18.04
N ILE A 382 -11.70 12.03 -19.02
CA ILE A 382 -12.10 10.64 -19.15
C ILE A 382 -11.54 9.82 -17.99
N LEU A 383 -10.36 10.18 -17.48
CA LEU A 383 -9.82 9.48 -16.32
C LEU A 383 -10.70 9.70 -15.09
N PHE A 384 -11.07 10.95 -14.84
CA PHE A 384 -11.92 11.26 -13.69
C PHE A 384 -13.26 10.56 -13.80
N PHE A 385 -13.87 10.57 -14.99
CA PHE A 385 -15.17 9.92 -15.13
C PHE A 385 -15.06 8.42 -15.05
N LEU A 386 -13.96 7.85 -15.57
CA LEU A 386 -13.73 6.41 -15.43
C LEU A 386 -13.64 6.03 -13.96
N GLU A 387 -12.83 6.75 -13.18
CA GLU A 387 -12.70 6.43 -11.76
C GLU A 387 -14.02 6.62 -11.03
N LYS A 388 -14.75 7.70 -11.34
CA LYS A 388 -16.04 7.92 -10.71
C LYS A 388 -17.01 6.78 -11.03
N ALA A 389 -16.96 6.25 -12.24
CA ALA A 389 -17.85 5.14 -12.61
C ALA A 389 -17.42 3.84 -11.95
N ILE A 390 -16.11 3.63 -11.76
CA ILE A 390 -15.63 2.47 -11.01
C ILE A 390 -16.21 2.49 -9.60
N GLY A 391 -16.31 3.67 -9.01
CA GLY A 391 -16.91 3.79 -7.70
C GLY A 391 -18.43 3.84 -7.79
N LEU A 392 -19.07 2.72 -7.48
CA LEU A 392 -20.52 2.60 -7.47
C LEU A 392 -20.97 2.19 -6.07
N ALA A 393 -22.29 2.05 -5.89
CA ALA A 393 -22.84 1.92 -4.55
C ALA A 393 -22.33 0.66 -3.85
N VAL A 394 -21.99 -0.38 -4.60
CA VAL A 394 -21.47 -1.61 -4.01
C VAL A 394 -20.14 -1.99 -4.65
N SER A 395 -19.38 -1.00 -5.11
CA SER A 395 -18.10 -1.27 -5.77
C SER A 395 -17.17 -2.06 -4.85
N ARG A 396 -16.78 -1.47 -3.72
CA ARG A 396 -16.16 -2.20 -2.63
C ARG A 396 -16.70 -1.76 -1.28
N MET A 397 -17.77 -0.96 -1.28
CA MET A 397 -18.34 -0.47 -0.05
C MET A 397 -19.01 -1.61 0.73
N ALA A 398 -19.31 -1.33 1.99
CA ALA A 398 -19.96 -2.30 2.86
C ALA A 398 -20.74 -1.53 3.91
N ALA A 399 -22.05 -1.77 3.99
CA ALA A 399 -22.89 -1.00 4.90
C ALA A 399 -22.61 -1.41 6.34
N VAL A 400 -21.41 -1.10 6.82
CA VAL A 400 -20.96 -1.54 8.13
C VAL A 400 -21.72 -0.79 9.22
N CYS A 401 -22.00 -1.49 10.32
CA CYS A 401 -22.73 -0.95 11.45
C CYS A 401 -21.78 -0.75 12.62
N ILE A 402 -21.79 0.47 13.16
CA ILE A 402 -20.97 0.77 14.33
C ILE A 402 -21.45 -0.07 15.50
N MET A 403 -20.55 -0.88 16.05
CA MET A 403 -20.91 -1.66 17.23
C MET A 403 -20.98 -0.77 18.46
N GLU A 404 -19.98 0.08 18.68
CA GLU A 404 -19.96 1.00 19.79
C GLU A 404 -18.85 2.01 19.57
N VAL A 405 -19.02 3.19 20.15
CA VAL A 405 -18.06 4.28 20.05
C VAL A 405 -17.75 4.81 21.43
N ASN A 406 -16.53 5.30 21.60
CA ASN A 406 -16.08 5.89 22.84
C ASN A 406 -15.42 7.23 22.54
N LEU A 407 -15.21 8.02 23.59
CA LEU A 407 -14.56 9.32 23.46
C LEU A 407 -13.35 9.31 24.39
N LEU A 408 -12.24 8.78 23.91
CA LEU A 408 -11.00 8.80 24.67
C LEU A 408 -10.52 10.24 24.83
N PRO A 409 -9.73 10.53 25.85
CA PRO A 409 -9.33 11.92 26.12
C PRO A 409 -8.55 12.52 24.96
N SER A 410 -8.40 13.85 25.04
CA SER A 410 -7.75 14.65 24.00
C SER A 410 -8.56 14.64 22.71
N LYS A 411 -9.87 14.63 22.84
CA LYS A 411 -10.79 14.81 21.72
C LYS A 411 -10.58 13.80 20.61
N VAL A 412 -10.14 12.59 20.94
CA VAL A 412 -10.05 11.50 19.98
C VAL A 412 -11.23 10.59 20.20
N THR A 413 -11.90 10.22 19.12
CA THR A 413 -13.00 9.28 19.21
C THR A 413 -12.52 7.90 18.78
N HIS A 414 -13.14 6.87 19.34
CA HIS A 414 -12.65 5.51 19.25
C HIS A 414 -13.80 4.62 18.78
N LEU A 415 -13.83 4.35 17.48
CA LEU A 415 -14.90 3.58 16.86
C LEU A 415 -14.61 2.09 16.94
N LEU A 416 -15.63 1.31 17.28
CA LEU A 416 -15.61 -0.13 17.10
C LEU A 416 -16.64 -0.45 16.04
N ILE A 417 -16.21 -0.59 14.80
CA ILE A 417 -17.11 -0.92 13.71
C ILE A 417 -17.13 -2.43 13.56
N LYS A 418 -18.31 -2.97 13.29
CA LYS A 418 -18.46 -4.41 13.21
C LYS A 418 -17.74 -4.94 11.98
N ARG A 419 -16.81 -5.86 12.20
CA ARG A 419 -16.05 -6.42 11.10
C ARG A 419 -16.99 -7.18 10.16
N PRO A 420 -17.05 -6.82 8.89
CA PRO A 420 -17.83 -7.61 7.93
C PRO A 420 -17.32 -9.03 7.88
N PRO A 421 -18.21 -10.01 7.73
CA PRO A 421 -17.77 -11.42 7.69
C PRO A 421 -16.65 -11.66 6.70
N PHE A 422 -16.80 -11.19 5.47
CA PHE A 422 -15.76 -11.35 4.45
C PHE A 422 -14.95 -10.07 4.36
N PHE A 423 -14.17 -9.82 5.42
CA PHE A 423 -13.28 -8.67 5.49
C PHE A 423 -11.93 -9.13 6.04
N HIS A 424 -10.94 -9.25 5.17
CA HIS A 424 -9.61 -9.72 5.53
C HIS A 424 -8.61 -8.60 5.24
N TYR A 425 -7.94 -8.11 6.27
CA TYR A 425 -6.99 -7.01 6.14
C TYR A 425 -5.66 -7.37 6.79
N ARG A 426 -4.57 -6.99 6.13
CA ARG A 426 -3.25 -7.12 6.72
C ARG A 426 -3.13 -6.15 7.90
N PRO A 427 -2.15 -6.37 8.78
CA PRO A 427 -1.95 -5.42 9.89
C PRO A 427 -1.38 -4.11 9.36
N GLY A 428 -2.14 -3.03 9.53
CA GLY A 428 -1.72 -1.73 9.07
C GLY A 428 -2.36 -1.26 7.78
N ASP A 429 -3.56 -1.71 7.48
CA ASP A 429 -4.29 -1.27 6.29
C ASP A 429 -5.32 -0.23 6.68
N TYR A 430 -5.30 0.90 5.99
CA TYR A 430 -6.24 1.96 6.29
C TYR A 430 -7.52 1.75 5.50
N LEU A 431 -8.54 2.56 5.77
CA LEU A 431 -9.81 2.42 5.10
C LEU A 431 -10.50 3.78 5.08
N TYR A 432 -11.30 4.01 4.03
CA TYR A 432 -11.93 5.30 3.81
C TYR A 432 -13.30 5.30 4.46
N LEU A 433 -13.34 5.66 5.74
CA LEU A 433 -14.60 5.68 6.47
C LEU A 433 -15.48 6.84 6.01
N ASN A 434 -16.78 6.63 6.07
CA ASN A 434 -17.79 7.66 5.83
C ASN A 434 -18.92 7.48 6.81
N ILE A 435 -19.52 8.59 7.22
CA ILE A 435 -20.67 8.56 8.12
C ILE A 435 -21.76 9.46 7.53
N PRO A 436 -22.85 8.90 7.00
CA PRO A 436 -23.92 9.74 6.45
C PRO A 436 -24.53 10.72 7.43
N THR A 437 -24.15 10.67 8.71
CA THR A 437 -24.70 11.63 9.65
C THR A 437 -23.81 12.86 9.80
N ILE A 438 -22.49 12.67 9.74
CA ILE A 438 -21.56 13.79 9.91
C ILE A 438 -21.45 14.60 8.62
N ALA A 439 -20.97 13.96 7.57
CA ALA A 439 -20.87 14.58 6.25
C ALA A 439 -21.38 13.57 5.23
N ARG A 440 -22.51 13.90 4.60
CA ARG A 440 -23.22 12.93 3.78
C ARG A 440 -22.35 12.35 2.67
N TYR A 441 -21.44 13.12 2.10
CA TYR A 441 -20.74 12.69 0.90
C TYR A 441 -19.22 12.62 1.03
N GLU A 442 -18.62 13.23 2.05
CA GLU A 442 -17.18 13.19 2.19
C GLU A 442 -16.72 11.79 2.59
N TRP A 443 -15.52 11.42 2.13
CA TRP A 443 -14.94 10.11 2.39
C TRP A 443 -13.54 10.31 2.92
N HIS A 444 -13.35 10.03 4.21
CA HIS A 444 -12.08 10.30 4.86
C HIS A 444 -11.35 9.00 5.16
N PRO A 445 -10.03 8.97 4.99
CA PRO A 445 -9.27 7.76 5.29
C PRO A 445 -8.91 7.67 6.77
N PHE A 446 -8.79 6.43 7.24
CA PHE A 446 -8.44 6.19 8.63
C PHE A 446 -7.73 4.85 8.72
N THR A 447 -6.83 4.72 9.68
CA THR A 447 -6.01 3.54 9.81
C THR A 447 -6.64 2.58 10.79
N ILE A 448 -6.75 1.31 10.40
CA ILE A 448 -7.28 0.27 11.28
C ILE A 448 -6.33 0.11 12.46
N SER A 449 -6.82 0.42 13.65
CA SER A 449 -6.02 0.36 14.87
C SER A 449 -6.33 -0.89 15.68
N SER A 450 -6.68 -1.98 15.00
CA SER A 450 -6.94 -3.25 15.65
C SER A 450 -6.27 -4.35 14.86
N ALA A 451 -5.54 -5.21 15.55
CA ALA A 451 -4.81 -6.28 14.87
C ALA A 451 -5.77 -7.17 14.08
N PRO A 452 -5.31 -7.74 12.96
CA PRO A 452 -6.20 -8.59 12.17
C PRO A 452 -6.69 -9.81 12.92
N GLU A 453 -5.85 -10.41 13.77
CA GLU A 453 -6.23 -11.61 14.49
C GLU A 453 -7.43 -11.39 15.39
N GLN A 454 -7.78 -10.14 15.67
CA GLN A 454 -9.02 -9.83 16.38
C GLN A 454 -10.18 -10.02 15.41
N LYS A 455 -10.99 -11.05 15.64
CA LYS A 455 -12.01 -11.46 14.68
C LYS A 455 -13.37 -10.85 14.93
N ASP A 456 -13.62 -10.30 16.12
CA ASP A 456 -14.95 -9.79 16.44
C ASP A 456 -15.23 -8.46 15.73
N THR A 457 -14.45 -7.44 16.04
CA THR A 457 -14.70 -6.09 15.54
C THR A 457 -13.42 -5.46 15.02
N ILE A 458 -13.60 -4.39 14.26
CA ILE A 458 -12.50 -3.56 13.76
C ILE A 458 -12.52 -2.25 14.52
N TRP A 459 -11.40 -1.90 15.13
CA TRP A 459 -11.31 -0.62 15.81
C TRP A 459 -11.02 0.48 14.80
N LEU A 460 -11.18 1.72 15.27
CA LEU A 460 -10.72 2.89 14.53
C LEU A 460 -10.49 3.99 15.55
N HIS A 461 -9.30 4.57 15.53
CA HIS A 461 -8.95 5.66 16.43
C HIS A 461 -8.92 6.92 15.60
N ILE A 462 -9.92 7.77 15.79
CA ILE A 462 -10.14 8.94 14.96
C ILE A 462 -9.85 10.18 15.81
N ARG A 463 -8.89 10.99 15.36
CA ARG A 463 -8.47 12.16 16.11
C ARG A 463 -9.05 13.41 15.49
N SER A 464 -9.55 14.31 16.33
CA SER A 464 -10.15 15.55 15.84
C SER A 464 -9.04 16.47 15.36
N GLN A 465 -8.90 16.59 14.03
CA GLN A 465 -7.86 17.44 13.46
C GLN A 465 -8.35 18.26 12.29
N GLY A 466 -9.66 18.49 12.19
CA GLY A 466 -10.21 19.25 11.09
C GLY A 466 -11.64 19.68 11.31
N GLN A 467 -12.48 19.57 10.28
CA GLN A 467 -13.89 19.90 10.38
C GLN A 467 -14.79 18.68 10.41
N TRP A 468 -14.41 17.60 9.71
CA TRP A 468 -15.21 16.38 9.77
C TRP A 468 -15.01 15.64 11.08
N THR A 469 -13.77 15.23 11.36
CA THR A 469 -13.50 14.47 12.58
C THR A 469 -13.89 15.26 13.82
N ASN A 470 -13.68 16.57 13.80
CA ASN A 470 -14.07 17.39 14.93
C ASN A 470 -15.57 17.40 15.11
N ARG A 471 -16.31 17.54 14.01
CA ARG A 471 -17.77 17.49 14.08
C ARG A 471 -18.25 16.14 14.59
N LEU A 472 -17.54 15.07 14.20
CA LEU A 472 -17.85 13.74 14.69
C LEU A 472 -17.72 13.68 16.21
N TYR A 473 -16.58 14.14 16.73
CA TYR A 473 -16.38 14.13 18.17
C TYR A 473 -17.44 14.96 18.87
N GLU A 474 -17.75 16.15 18.33
CA GLU A 474 -18.78 16.99 18.96
C GLU A 474 -20.13 16.28 18.98
N SER A 475 -20.52 15.68 17.86
CA SER A 475 -21.82 15.02 17.78
C SER A 475 -21.91 13.89 18.78
N PHE A 476 -20.92 13.00 18.79
CA PHE A 476 -20.94 11.91 19.77
C PHE A 476 -20.83 12.40 21.19
N LYS A 477 -20.30 13.61 21.42
CA LYS A 477 -20.30 14.17 22.76
C LYS A 477 -21.72 14.44 23.26
N ALA A 478 -22.66 14.64 22.36
CA ALA A 478 -24.05 14.87 22.74
C ALA A 478 -24.73 13.56 23.10
N CYS A 515 -23.79 2.76 20.41
CA CYS A 515 -24.66 3.33 19.40
C CYS A 515 -24.76 2.42 18.19
N ASN A 516 -25.80 2.63 17.38
CA ASN A 516 -26.03 1.82 16.18
C ASN A 516 -26.41 2.76 15.04
N ILE A 517 -25.40 3.20 14.29
CA ILE A 517 -25.58 4.08 13.14
C ILE A 517 -24.99 3.35 11.93
N LYS A 518 -25.04 3.97 10.76
CA LYS A 518 -24.53 3.37 9.53
C LYS A 518 -23.28 4.10 9.07
N CYS A 519 -22.29 3.33 8.64
CA CYS A 519 -21.04 3.85 8.11
C CYS A 519 -20.58 2.94 6.98
N TYR A 520 -19.97 3.54 5.96
CA TYR A 520 -19.68 2.83 4.71
C TYR A 520 -18.17 2.85 4.52
N ILE A 521 -17.48 1.85 5.07
CA ILE A 521 -16.03 1.78 4.91
C ILE A 521 -15.69 1.37 3.48
N ASP A 522 -14.41 1.47 3.13
CA ASP A 522 -13.94 1.21 1.79
C ASP A 522 -12.81 0.18 1.78
N GLY A 523 -12.84 -0.77 2.70
CA GLY A 523 -11.93 -1.90 2.66
C GLY A 523 -10.47 -1.53 2.88
N PRO A 524 -9.62 -2.55 2.92
CA PRO A 524 -8.21 -2.33 3.23
C PRO A 524 -7.44 -1.72 2.06
N TYR A 525 -6.30 -1.14 2.40
CA TYR A 525 -5.34 -0.60 1.44
C TYR A 525 -3.96 -0.70 2.04
N GLY A 526 -3.05 0.11 1.54
CA GLY A 526 -1.77 0.36 2.19
C GLY A 526 -0.70 -0.60 1.72
N THR A 527 0.54 -0.21 2.04
CA THR A 527 1.69 -1.00 1.64
C THR A 527 1.68 -2.36 2.35
N PRO A 528 2.26 -3.39 1.73
CA PRO A 528 2.36 -4.68 2.42
C PRO A 528 3.27 -4.57 3.63
N THR A 529 2.97 -5.38 4.65
CA THR A 529 3.66 -5.32 5.92
C THR A 529 4.29 -6.65 6.33
N ARG A 530 4.32 -7.63 5.43
CA ARG A 530 4.90 -8.91 5.78
C ARG A 530 6.41 -8.83 5.96
N ARG A 531 7.05 -7.78 5.44
CA ARG A 531 8.48 -7.61 5.66
C ARG A 531 8.81 -7.26 7.11
N ILE A 532 7.82 -6.83 7.89
CA ILE A 532 8.07 -6.61 9.30
C ILE A 532 8.09 -7.92 10.06
N PHE A 533 7.26 -8.89 9.65
CA PHE A 533 7.19 -10.15 10.37
C PHE A 533 8.31 -11.10 9.96
N ALA A 534 8.84 -10.95 8.76
CA ALA A 534 9.92 -11.81 8.26
C ALA A 534 11.23 -11.11 8.54
N SER A 535 11.68 -11.17 9.79
CA SER A 535 12.91 -10.53 10.21
C SER A 535 13.28 -11.05 11.59
N GLU A 536 14.30 -10.46 12.17
CA GLU A 536 14.77 -10.83 13.51
C GLU A 536 15.22 -9.57 14.22
N HIS A 537 14.67 -9.31 15.40
CA HIS A 537 14.94 -8.10 16.17
C HIS A 537 14.65 -6.84 15.35
N ALA A 538 13.49 -6.83 14.72
CA ALA A 538 13.02 -5.63 14.04
C ALA A 538 12.87 -4.50 15.05
N VAL A 539 13.25 -3.30 14.65
CA VAL A 539 13.19 -2.12 15.51
C VAL A 539 12.20 -1.16 14.91
N LEU A 540 10.94 -1.26 15.31
CA LEU A 540 9.91 -0.36 14.84
C LEU A 540 10.06 0.98 15.52
N ILE A 541 10.36 2.02 14.74
CA ILE A 541 10.57 3.36 15.25
C ILE A 541 9.47 4.24 14.70
N GLY A 542 8.63 4.77 15.57
CA GLY A 542 7.56 5.66 15.14
C GLY A 542 7.77 7.09 15.60
N ALA A 543 8.14 7.97 14.68
CA ALA A 543 8.45 9.35 15.02
C ALA A 543 7.37 10.25 14.45
N GLY A 544 6.79 11.08 15.31
CA GLY A 544 5.78 12.04 14.87
C GLY A 544 4.39 11.49 15.06
N ILE A 545 3.52 11.77 14.09
CA ILE A 545 2.10 11.45 14.21
C ILE A 545 1.68 10.35 13.26
N GLY A 546 2.61 9.47 12.87
CA GLY A 546 2.29 8.34 12.03
C GLY A 546 2.44 7.01 12.71
N ILE A 547 1.96 6.89 13.96
CA ILE A 547 2.19 5.69 14.75
C ILE A 547 0.91 4.91 14.98
N THR A 548 -0.15 5.18 14.22
CA THR A 548 -1.37 4.38 14.40
C THR A 548 -1.19 2.97 13.84
N PRO A 549 -0.62 2.76 12.65
CA PRO A 549 -0.39 1.39 12.20
C PRO A 549 0.63 0.63 13.01
N PHE A 550 1.51 1.29 13.75
CA PHE A 550 2.40 0.54 14.62
C PHE A 550 1.64 -0.07 15.78
N ALA A 551 0.53 0.52 16.18
CA ALA A 551 -0.34 -0.13 17.16
C ALA A 551 -0.89 -1.43 16.61
N SER A 552 -1.39 -1.40 15.38
CA SER A 552 -1.90 -2.62 14.75
C SER A 552 -0.81 -3.67 14.62
N ILE A 553 0.37 -3.26 14.16
CA ILE A 553 1.45 -4.21 13.96
C ILE A 553 1.88 -4.82 15.29
N LEU A 554 2.00 -4.00 16.34
CA LEU A 554 2.40 -4.54 17.64
C LEU A 554 1.35 -5.50 18.19
N GLN A 555 0.07 -5.15 18.06
CA GLN A 555 -0.96 -6.06 18.56
C GLN A 555 -0.96 -7.37 17.78
N SER A 556 -0.74 -7.32 16.46
CA SER A 556 -0.69 -8.55 15.70
C SER A 556 0.52 -9.39 16.09
N ILE A 557 1.67 -8.74 16.29
CA ILE A 557 2.88 -9.47 16.69
C ILE A 557 2.66 -10.16 18.02
N MET A 558 2.07 -9.45 18.98
CA MET A 558 1.85 -10.05 20.29
C MET A 558 0.79 -11.15 20.22
N TYR A 559 -0.22 -10.98 19.37
CA TYR A 559 -1.20 -12.05 19.19
C TYR A 559 -0.53 -13.32 18.68
N ARG A 560 0.34 -13.19 17.68
CA ARG A 560 1.02 -14.38 17.17
C ARG A 560 1.97 -14.97 18.20
N HIS A 561 2.70 -14.12 18.92
CA HIS A 561 3.60 -14.62 19.96
C HIS A 561 2.85 -15.41 21.00
N GLN A 562 1.72 -14.87 21.49
CA GLN A 562 0.92 -15.61 22.46
C GLN A 562 0.32 -16.87 21.85
N LYS A 563 0.07 -16.86 20.53
CA LYS A 563 -0.39 -18.06 19.85
C LYS A 563 0.75 -18.97 19.41
N ARG A 564 1.97 -18.74 19.92
CA ARG A 564 3.00 -19.77 19.87
C ARG A 564 3.49 -20.15 21.26
N LYS A 565 2.62 -20.07 22.27
CA LYS A 565 2.89 -20.59 23.59
C LYS A 565 1.88 -21.69 23.90
N HIS A 566 2.36 -22.90 24.11
CA HIS A 566 1.50 -24.07 24.25
C HIS A 566 1.52 -24.59 25.68
N THR A 567 0.49 -25.36 26.02
CA THR A 567 0.34 -25.97 27.33
C THR A 567 -0.40 -27.29 27.19
N CYS A 568 0.23 -28.38 27.61
CA CYS A 568 -0.34 -29.71 27.41
C CYS A 568 -1.61 -29.89 28.24
N PRO A 569 -2.66 -30.49 27.67
CA PRO A 569 -3.87 -30.76 28.48
C PRO A 569 -3.69 -31.88 29.49
N SER A 570 -2.60 -32.63 29.43
CA SER A 570 -2.40 -33.78 30.31
C SER A 570 -1.30 -33.54 31.35
N CYS A 571 -0.10 -33.21 30.90
CA CYS A 571 1.00 -32.97 31.83
C CYS A 571 1.01 -31.54 32.36
N GLN A 572 0.31 -30.63 31.69
CA GLN A 572 0.35 -29.19 31.95
C GLN A 572 1.74 -28.60 31.72
N HIS A 573 2.65 -29.36 31.15
CA HIS A 573 3.96 -28.84 30.78
C HIS A 573 3.81 -27.80 29.68
N SER A 574 4.17 -26.57 29.97
CA SER A 574 4.07 -25.47 29.02
C SER A 574 5.44 -25.24 28.38
N TRP A 575 5.44 -25.11 27.05
CA TRP A 575 6.67 -24.85 26.32
C TRP A 575 6.35 -23.89 25.18
N ILE A 576 7.40 -23.37 24.55
CA ILE A 576 7.28 -22.42 23.46
C ILE A 576 7.76 -23.10 22.18
N GLU A 577 7.46 -22.49 21.05
CA GLU A 577 7.87 -22.96 19.75
C GLU A 577 9.01 -22.09 19.22
N GLY A 578 9.57 -22.51 18.09
CA GLY A 578 10.65 -21.75 17.48
C GLY A 578 10.16 -20.73 16.47
N VAL A 579 9.41 -21.20 15.47
CA VAL A 579 8.87 -20.35 14.42
C VAL A 579 7.49 -20.89 14.05
N GLN A 580 6.62 -19.99 13.58
CA GLN A 580 5.27 -20.35 13.17
C GLN A 580 5.09 -20.18 11.66
N ASP A 581 6.15 -19.83 10.94
CA ASP A 581 6.17 -19.71 9.48
C ASP A 581 5.27 -18.58 8.98
N ASN A 582 4.68 -17.81 9.89
CA ASN A 582 4.05 -16.54 9.52
C ASN A 582 4.57 -15.39 10.38
N MET A 583 5.48 -15.67 11.31
CA MET A 583 6.17 -14.63 12.06
C MET A 583 7.46 -15.24 12.61
N LYS A 584 8.60 -14.81 12.08
CA LYS A 584 9.88 -15.37 12.46
C LYS A 584 10.66 -14.46 13.41
N LEU A 585 9.99 -13.51 14.05
CA LEU A 585 10.67 -12.56 14.91
C LEU A 585 11.22 -13.23 16.15
N HIS A 586 12.30 -12.66 16.68
CA HIS A 586 12.85 -13.07 17.96
C HIS A 586 12.85 -11.97 19.01
N LYS A 587 12.72 -10.72 18.60
CA LYS A 587 12.61 -9.59 19.51
C LYS A 587 12.07 -8.40 18.73
N VAL A 588 11.55 -7.42 19.45
CA VAL A 588 11.02 -6.20 18.86
C VAL A 588 11.33 -5.05 19.80
N ASP A 589 11.86 -3.97 19.26
CA ASP A 589 12.08 -2.73 20.01
C ASP A 589 11.24 -1.65 19.39
N PHE A 590 10.32 -1.08 20.16
CA PHE A 590 9.45 -0.03 19.66
C PHE A 590 9.89 1.30 20.27
N ILE A 591 10.49 2.13 19.44
CA ILE A 591 11.03 3.42 19.87
C ILE A 591 10.08 4.50 19.36
N TRP A 592 9.49 5.24 20.29
CA TRP A 592 8.36 6.11 20.00
C TRP A 592 8.68 7.55 20.40
N ILE A 593 9.10 8.35 19.45
CA ILE A 593 9.46 9.74 19.71
C ILE A 593 8.26 10.63 19.44
N ASN A 594 7.99 11.56 20.36
CA ASN A 594 7.01 12.61 20.13
C ASN A 594 7.28 13.77 21.07
N ARG A 595 6.83 14.94 20.65
CA ARG A 595 6.91 16.12 21.50
C ARG A 595 6.20 15.86 22.82
N ASP A 596 5.00 15.31 22.76
CA ASP A 596 4.20 15.07 23.96
C ASP A 596 3.28 13.88 23.72
N GLN A 597 2.55 13.51 24.77
CA GLN A 597 1.52 12.48 24.72
C GLN A 597 0.16 13.06 24.36
N ARG A 598 0.14 14.16 23.60
CA ARG A 598 -1.04 15.00 23.42
C ARG A 598 -2.30 14.19 23.12
N SER A 599 -2.33 13.46 22.01
CA SER A 599 -3.51 12.69 21.63
C SER A 599 -3.24 11.20 21.55
N PHE A 600 -2.18 10.72 22.20
CA PHE A 600 -1.80 9.31 22.11
C PHE A 600 -1.82 8.62 23.48
N GLU A 601 -2.62 9.11 24.43
CA GLU A 601 -2.71 8.39 25.70
C GLU A 601 -3.43 7.06 25.53
N TRP A 602 -4.24 6.92 24.48
CA TRP A 602 -4.79 5.60 24.15
C TRP A 602 -3.69 4.65 23.71
N PHE A 603 -2.79 5.15 22.87
CA PHE A 603 -1.61 4.38 22.47
C PHE A 603 -0.79 3.98 23.69
N VAL A 604 -0.64 4.91 24.63
CA VAL A 604 0.02 4.63 25.90
C VAL A 604 -0.66 3.47 26.63
N SER A 605 -1.97 3.62 26.88
CA SER A 605 -2.72 2.59 27.58
C SER A 605 -2.72 1.27 26.84
N LEU A 606 -2.44 1.28 25.54
CA LEU A 606 -2.36 0.05 24.77
C LEU A 606 -1.01 -0.62 24.95
N LEU A 607 0.06 0.17 24.86
CA LEU A 607 1.40 -0.39 25.03
C LEU A 607 1.61 -0.89 26.46
N THR A 608 0.98 -0.23 27.42
CA THR A 608 1.05 -0.73 28.80
C THR A 608 0.50 -2.15 28.86
N LYS A 609 -0.69 -2.34 28.29
CA LYS A 609 -1.32 -3.65 28.20
C LYS A 609 -0.38 -4.66 27.56
N LEU A 610 0.15 -4.34 26.39
CA LEU A 610 1.04 -5.26 25.70
C LEU A 610 2.25 -5.63 26.55
N GLU A 611 2.93 -4.62 27.10
CA GLU A 611 4.16 -4.88 27.84
C GLU A 611 3.91 -5.70 29.09
N MET A 612 2.96 -5.29 29.94
CA MET A 612 2.72 -6.04 31.16
C MET A 612 2.07 -7.40 30.89
N ASP A 613 1.45 -7.59 29.73
CA ASP A 613 0.86 -8.89 29.44
C ASP A 613 1.92 -9.98 29.28
N GLN A 614 3.17 -9.59 29.03
CA GLN A 614 4.26 -10.56 28.93
C GLN A 614 5.47 -10.18 29.78
N ALA A 615 5.36 -9.14 30.62
CA ALA A 615 6.49 -8.77 31.47
C ALA A 615 6.80 -9.83 32.51
N GLU A 616 5.79 -10.57 32.98
CA GLU A 616 6.05 -11.67 33.91
C GLU A 616 6.69 -12.87 33.24
N GLU A 617 6.72 -12.91 31.89
CA GLU A 617 7.46 -13.92 31.17
C GLU A 617 8.86 -13.46 30.77
N ALA A 618 9.15 -12.16 30.87
CA ALA A 618 10.47 -11.65 30.58
C ALA A 618 11.54 -12.21 31.51
N GLN A 619 11.15 -12.89 32.59
CA GLN A 619 12.14 -13.47 33.49
C GLN A 619 13.02 -14.48 32.76
N TYR A 620 12.43 -15.28 31.86
CA TYR A 620 13.21 -16.19 31.05
C TYR A 620 13.55 -15.62 29.68
N GLY A 621 12.70 -14.77 29.13
CA GLY A 621 13.01 -14.09 27.89
C GLY A 621 12.09 -12.93 27.62
N ARG A 622 12.65 -11.76 27.34
CA ARG A 622 11.89 -10.56 27.00
C ARG A 622 11.81 -10.44 25.49
N PHE A 623 10.60 -10.27 24.98
CA PHE A 623 10.36 -10.29 23.55
C PHE A 623 10.04 -8.94 22.94
N LEU A 624 9.49 -8.01 23.70
CA LEU A 624 9.12 -6.70 23.19
C LEU A 624 9.63 -5.64 24.13
N GLU A 625 10.53 -4.79 23.66
CA GLU A 625 11.07 -3.70 24.45
C GLU A 625 10.44 -2.39 24.01
N LEU A 626 9.86 -1.68 24.97
CA LEU A 626 9.16 -0.43 24.70
C LEU A 626 10.05 0.73 25.13
N HIS A 627 10.32 1.64 24.20
CA HIS A 627 10.97 2.90 24.49
C HIS A 627 10.01 4.02 24.10
N MET A 628 9.81 4.97 25.00
CA MET A 628 8.91 6.08 24.75
C MET A 628 9.60 7.38 25.13
N TYR A 629 9.75 8.28 24.17
CA TYR A 629 10.43 9.54 24.36
C TYR A 629 9.45 10.69 24.20
N MET A 630 9.34 11.52 25.23
CA MET A 630 8.61 12.78 25.17
C MET A 630 9.65 13.89 25.28
N THR A 631 10.18 14.31 24.12
CA THR A 631 11.36 15.17 24.11
C THR A 631 11.07 16.54 24.70
N SER A 632 9.83 17.02 24.63
CA SER A 632 9.53 18.35 25.15
C SER A 632 9.71 18.42 26.66
N ALA A 633 9.59 17.28 27.35
CA ALA A 633 9.85 17.26 28.78
C ALA A 633 11.28 17.68 29.08
N LEU A 634 11.49 18.23 30.27
CA LEU A 634 12.78 18.79 30.63
C LEU A 634 13.85 17.69 30.67
N GLY A 635 14.99 17.98 30.05
CA GLY A 635 16.05 16.99 29.99
C GLY A 635 16.68 16.77 31.35
N LYS A 636 17.27 15.59 31.53
CA LYS A 636 17.87 15.16 32.78
C LYS A 636 19.08 16.01 33.19
N ASN A 637 19.48 17.01 32.41
CA ASN A 637 20.58 17.89 32.78
C ASN A 637 20.12 19.09 33.60
N ASP A 638 18.84 19.45 33.53
CA ASP A 638 18.33 20.60 34.25
C ASP A 638 18.21 20.29 35.73
N MET A 639 18.74 21.20 36.56
CA MET A 639 18.73 21.00 38.01
C MET A 639 17.34 20.74 38.54
N LYS A 640 16.35 21.50 38.07
CA LYS A 640 14.97 21.23 38.43
C LYS A 640 14.54 19.84 37.96
N ALA A 641 14.89 19.49 36.73
CA ALA A 641 14.59 18.16 36.22
C ALA A 641 15.36 17.09 36.98
N ILE A 642 16.59 17.39 37.41
CA ILE A 642 17.33 16.45 38.24
C ILE A 642 16.59 16.18 39.54
N GLY A 643 16.11 17.25 40.19
CA GLY A 643 15.34 17.08 41.40
C GLY A 643 14.06 16.30 41.18
N LEU A 644 13.38 16.54 40.05
CA LEU A 644 12.14 15.82 39.76
C LEU A 644 12.41 14.33 39.54
N GLN A 645 13.46 14.01 38.78
CA GLN A 645 13.85 12.61 38.63
C GLN A 645 14.24 12.01 39.98
N MET A 646 14.81 12.82 40.87
CA MET A 646 15.23 12.34 42.18
C MET A 646 14.06 11.90 43.05
N ALA A 647 12.84 12.10 42.61
CA ALA A 647 11.65 11.53 43.25
C ALA A 647 10.93 10.55 42.35
N LEU A 648 10.95 10.80 41.03
CA LEU A 648 10.34 9.87 40.09
C LEU A 648 11.02 8.50 40.17
N ASP A 649 12.34 8.48 40.27
CA ASP A 649 13.06 7.21 40.34
C ASP A 649 12.72 6.46 41.62
N LEU A 650 12.59 7.17 42.74
CA LEU A 650 12.22 6.50 43.99
C LEU A 650 10.82 5.94 43.91
N LEU A 651 9.87 6.71 43.33
CA LEU A 651 8.52 6.19 43.15
C LEU A 651 8.53 4.97 42.25
N ALA A 652 9.39 4.97 41.23
CA ALA A 652 9.52 3.80 40.35
C ALA A 652 10.01 2.58 41.12
N ASN A 653 11.10 2.76 41.88
CA ASN A 653 11.61 1.64 42.68
C ASN A 653 10.56 1.13 43.67
N LYS A 654 9.72 2.03 44.19
CA LYS A 654 8.67 1.61 45.11
C LYS A 654 7.62 0.78 44.40
N GLU A 655 7.07 1.30 43.30
CA GLU A 655 5.95 0.64 42.63
C GLU A 655 6.36 -0.34 41.55
N LYS A 656 7.57 -0.20 40.99
CA LYS A 656 8.03 -0.89 39.79
C LYS A 656 7.29 -0.43 38.54
N LYS A 657 6.47 0.61 38.64
CA LYS A 657 5.77 1.19 37.50
C LYS A 657 6.11 2.67 37.41
N ASP A 658 6.54 3.11 36.24
CA ASP A 658 6.75 4.53 35.99
C ASP A 658 5.43 5.26 36.12
N SER A 659 5.37 6.22 37.05
CA SER A 659 4.09 6.86 37.39
C SER A 659 3.46 7.56 36.18
N ILE A 660 4.28 8.03 35.24
CA ILE A 660 3.72 8.79 34.12
C ILE A 660 2.78 7.94 33.28
N THR A 661 3.06 6.65 33.15
CA THR A 661 2.29 5.79 32.27
C THR A 661 1.90 4.45 32.88
N GLY A 662 2.35 4.14 34.10
CA GLY A 662 2.15 2.81 34.61
C GLY A 662 2.89 1.74 33.86
N LEU A 663 3.85 2.13 33.02
CA LEU A 663 4.59 1.19 32.19
C LEU A 663 5.66 0.48 33.01
N GLN A 664 6.02 -0.73 32.57
CA GLN A 664 7.15 -1.40 33.18
C GLN A 664 8.46 -0.70 32.85
N THR A 665 8.54 -0.10 31.67
CA THR A 665 9.71 0.68 31.29
C THR A 665 9.60 2.06 31.94
N ARG A 666 10.68 2.85 31.83
CA ARG A 666 10.69 4.23 32.29
C ARG A 666 10.73 5.14 31.08
N THR A 667 10.10 6.31 31.21
CA THR A 667 10.02 7.25 30.10
C THR A 667 11.20 8.22 30.16
N GLN A 668 11.89 8.37 29.04
CA GLN A 668 13.12 9.15 29.00
C GLN A 668 12.87 10.49 28.31
N PRO A 669 12.84 11.59 29.03
CA PRO A 669 12.67 12.90 28.39
C PRO A 669 13.86 13.23 27.49
N GLY A 670 13.65 14.21 26.63
CA GLY A 670 14.69 14.67 25.73
C GLY A 670 14.84 13.77 24.52
N ARG A 671 15.56 14.30 23.52
CA ARG A 671 15.83 13.56 22.31
C ARG A 671 16.74 12.37 22.61
N PRO A 672 16.76 11.37 21.73
CA PRO A 672 17.62 10.22 21.97
C PRO A 672 18.98 10.36 21.33
N ASP A 673 19.97 9.76 21.98
CA ASP A 673 21.33 9.67 21.47
C ASP A 673 21.42 8.36 20.70
N TRP A 674 21.20 8.43 19.39
CA TRP A 674 21.05 7.22 18.60
C TRP A 674 22.28 6.33 18.66
N SER A 675 23.45 6.90 18.92
CA SER A 675 24.65 6.10 19.11
C SER A 675 24.43 5.05 20.19
N LYS A 676 24.04 5.49 21.39
CA LYS A 676 23.84 4.57 22.50
C LYS A 676 22.70 3.60 22.22
N VAL A 677 21.63 4.09 21.56
CA VAL A 677 20.49 3.24 21.26
C VAL A 677 20.91 2.08 20.36
N PHE A 678 21.57 2.40 19.24
CA PHE A 678 21.99 1.36 18.32
C PHE A 678 23.08 0.48 18.92
N GLN A 679 23.90 1.03 19.82
CA GLN A 679 24.89 0.19 20.50
C GLN A 679 24.21 -0.83 21.40
N LYS A 680 23.18 -0.41 22.14
CA LYS A 680 22.42 -1.36 22.94
C LYS A 680 21.70 -2.38 22.07
N VAL A 681 21.25 -1.97 20.88
CA VAL A 681 20.64 -2.91 19.95
C VAL A 681 21.65 -3.96 19.52
N ALA A 682 22.83 -3.51 19.08
CA ALA A 682 23.85 -4.42 18.58
C ALA A 682 24.45 -5.30 19.68
N ALA A 683 24.37 -4.86 20.94
CA ALA A 683 25.01 -5.61 22.03
C ALA A 683 24.48 -7.03 22.10
N GLU A 684 23.17 -7.19 22.21
CA GLU A 684 22.58 -8.52 22.22
C GLU A 684 22.40 -9.04 20.80
N LYS A 685 22.31 -10.37 20.69
CA LYS A 685 22.24 -11.06 19.40
C LYS A 685 20.95 -11.86 19.33
N LYS A 686 19.98 -11.36 18.57
CA LYS A 686 18.74 -12.08 18.32
C LYS A 686 18.47 -12.30 16.84
N GLY A 687 19.41 -11.98 15.96
CA GLY A 687 19.26 -12.22 14.55
C GLY A 687 19.71 -11.02 13.75
N LYS A 688 19.45 -11.07 12.44
CA LYS A 688 19.82 -9.99 11.53
C LYS A 688 18.91 -8.80 11.79
N VAL A 689 19.48 -7.75 12.39
CA VAL A 689 18.69 -6.56 12.73
C VAL A 689 18.11 -5.95 11.47
N GLN A 690 16.89 -5.41 11.60
CA GLN A 690 16.24 -4.68 10.53
C GLN A 690 15.48 -3.52 11.15
N VAL A 691 15.78 -2.32 10.75
CA VAL A 691 15.10 -1.15 11.28
C VAL A 691 13.91 -0.85 10.40
N PHE A 692 12.87 -0.28 11.00
CA PHE A 692 11.72 0.23 10.26
C PHE A 692 11.38 1.60 10.83
N PHE A 693 10.73 2.43 10.03
CA PHE A 693 10.55 3.82 10.42
C PHE A 693 9.32 4.40 9.73
N CYS A 694 8.75 5.41 10.37
CA CYS A 694 7.64 6.17 9.80
C CYS A 694 7.66 7.56 10.43
N GLY A 695 8.18 8.53 9.70
CA GLY A 695 8.28 9.89 10.21
C GLY A 695 8.87 10.86 9.22
N SER A 696 9.43 11.96 9.73
CA SER A 696 9.93 13.03 8.87
C SER A 696 11.30 12.66 8.31
N PRO A 697 11.59 13.08 7.07
CA PRO A 697 12.90 12.76 6.48
C PRO A 697 14.08 13.27 7.28
N ALA A 698 13.89 14.28 8.12
CA ALA A 698 15.00 14.78 8.95
C ALA A 698 15.57 13.68 9.81
N LEU A 699 14.70 12.84 10.40
CA LEU A 699 15.19 11.68 11.13
C LEU A 699 15.48 10.51 10.21
N ALA A 700 14.86 10.45 9.04
CA ALA A 700 15.15 9.36 8.11
C ALA A 700 16.61 9.38 7.69
N LYS A 701 17.15 10.57 7.41
CA LYS A 701 18.55 10.67 7.02
C LYS A 701 19.48 10.33 8.19
N VAL A 702 19.16 10.83 9.39
CA VAL A 702 19.97 10.51 10.56
C VAL A 702 20.03 9.01 10.79
N LEU A 703 18.87 8.35 10.74
CA LEU A 703 18.82 6.92 10.98
C LEU A 703 19.48 6.14 9.87
N LYS A 704 19.36 6.60 8.62
CA LYS A 704 20.04 5.91 7.53
C LYS A 704 21.55 6.02 7.68
N GLY A 705 22.03 7.20 8.12
CA GLY A 705 23.45 7.34 8.39
C GLY A 705 23.93 6.43 9.50
N HIS A 706 23.17 6.36 10.60
CA HIS A 706 23.58 5.50 11.70
C HIS A 706 23.50 4.02 11.33
N CYS A 707 22.52 3.65 10.50
CA CYS A 707 22.41 2.26 10.07
C CYS A 707 23.60 1.87 9.19
N GLU A 708 24.06 2.79 8.35
CA GLU A 708 25.29 2.54 7.60
C GLU A 708 26.49 2.47 8.55
N LYS A 709 26.42 3.20 9.67
CA LYS A 709 27.50 3.16 10.65
C LYS A 709 27.51 1.81 11.39
N PHE A 710 26.34 1.28 11.70
CA PHE A 710 26.22 0.07 12.51
C PHE A 710 25.79 -1.15 11.70
N GLY A 711 25.50 -1.00 10.41
CA GLY A 711 25.16 -2.15 9.59
C GLY A 711 23.80 -2.74 9.86
N PHE A 712 22.76 -1.91 9.92
CA PHE A 712 21.38 -2.37 10.07
C PHE A 712 20.60 -2.00 8.82
N ARG A 713 19.85 -2.96 8.29
CA ARG A 713 19.14 -2.78 7.02
C ARG A 713 17.93 -1.87 7.23
N PHE A 714 18.20 -0.56 7.24
CA PHE A 714 17.16 0.42 7.48
C PHE A 714 16.08 0.35 6.41
N PHE A 715 14.83 0.47 6.84
CA PHE A 715 13.68 0.59 5.96
C PHE A 715 12.91 1.85 6.31
N GLN A 716 11.94 2.20 5.46
CA GLN A 716 10.99 3.25 5.81
C GLN A 716 9.70 2.95 5.04
N GLU A 717 8.75 2.34 5.74
CA GLU A 717 7.45 2.11 5.15
C GLU A 717 6.76 3.45 4.88
N ASN A 718 5.91 3.45 3.84
CA ASN A 718 5.44 4.72 3.28
C ASN A 718 4.33 5.34 4.12
N PHE A 719 3.45 4.52 4.70
CA PHE A 719 2.28 5.02 5.42
C PHE A 719 2.57 6.12 6.44
N THR B 182 -21.77 -29.72 -30.86
CA THR B 182 -22.85 -30.18 -30.01
C THR B 182 -23.50 -29.03 -29.25
N ARG B 183 -24.53 -29.34 -28.47
CA ARG B 183 -25.19 -28.31 -27.67
C ARG B 183 -24.24 -27.77 -26.60
N ALA B 184 -23.55 -28.67 -25.90
CA ALA B 184 -22.58 -28.26 -24.90
C ALA B 184 -21.31 -27.68 -25.52
N TYR B 185 -21.01 -28.01 -26.77
CA TYR B 185 -19.94 -27.31 -27.47
C TYR B 185 -20.31 -25.84 -27.65
N TRP B 186 -21.55 -25.57 -28.04
CA TRP B 186 -22.02 -24.20 -28.12
C TRP B 186 -22.00 -23.53 -26.76
N HIS B 187 -22.39 -24.29 -25.71
CA HIS B 187 -22.43 -23.69 -24.38
C HIS B 187 -21.03 -23.32 -23.89
N ASN B 188 -20.05 -24.20 -24.10
CA ASN B 188 -18.67 -23.88 -23.73
C ASN B 188 -18.13 -22.74 -24.57
N HIS B 189 -18.26 -22.84 -25.89
CA HIS B 189 -17.74 -21.84 -26.81
C HIS B 189 -18.66 -20.64 -26.94
N ARG B 190 -19.66 -20.51 -26.06
CA ARG B 190 -20.55 -19.36 -26.07
C ARG B 190 -19.76 -18.04 -26.02
N SER B 191 -18.86 -17.92 -25.05
CA SER B 191 -18.10 -16.68 -24.91
C SER B 191 -17.05 -16.52 -25.99
N GLN B 192 -16.66 -17.59 -26.67
CA GLN B 192 -15.75 -17.45 -27.81
C GLN B 192 -16.51 -16.98 -29.04
N LEU B 193 -17.67 -17.58 -29.32
CA LEU B 193 -18.41 -17.23 -30.52
C LEU B 193 -18.94 -15.80 -30.45
N PHE B 194 -19.31 -15.33 -29.26
CA PHE B 194 -19.70 -13.93 -29.13
C PHE B 194 -18.56 -12.99 -29.52
N CYS B 195 -17.35 -13.25 -29.04
CA CYS B 195 -16.24 -12.36 -29.36
C CYS B 195 -15.88 -12.43 -30.84
N LEU B 196 -15.84 -13.64 -31.40
CA LEU B 196 -15.56 -13.78 -32.82
C LEU B 196 -16.61 -13.08 -33.67
N ALA B 197 -17.89 -13.23 -33.29
CA ALA B 197 -18.96 -12.64 -34.09
C ALA B 197 -19.00 -11.13 -33.95
N THR B 198 -18.71 -10.59 -32.76
CA THR B 198 -18.63 -9.14 -32.62
C THR B 198 -17.44 -8.58 -33.39
N TYR B 199 -16.34 -9.33 -33.46
CA TYR B 199 -15.21 -8.90 -34.28
C TYR B 199 -15.59 -8.87 -35.76
N ALA B 200 -16.21 -9.95 -36.26
CA ALA B 200 -16.64 -9.97 -37.66
C ALA B 200 -17.66 -8.88 -37.93
N GLY B 201 -18.53 -8.61 -36.94
CA GLY B 201 -19.50 -7.54 -37.11
C GLY B 201 -18.87 -6.18 -37.20
N LEU B 202 -17.90 -5.89 -36.34
CA LEU B 202 -17.20 -4.61 -36.43
C LEU B 202 -16.47 -4.49 -37.76
N HIS B 203 -15.92 -5.60 -38.25
CA HIS B 203 -15.25 -5.56 -39.55
C HIS B 203 -16.23 -5.24 -40.66
N VAL B 204 -17.39 -5.90 -40.67
CA VAL B 204 -18.35 -5.64 -41.75
C VAL B 204 -18.95 -4.25 -41.60
N LEU B 205 -19.05 -3.75 -40.38
CA LEU B 205 -19.52 -2.39 -40.16
C LEU B 205 -18.57 -1.38 -40.78
N LEU B 206 -17.28 -1.50 -40.46
CA LEU B 206 -16.31 -0.56 -41.03
C LEU B 206 -16.21 -0.72 -42.53
N PHE B 207 -16.27 -1.95 -43.02
CA PHE B 207 -16.20 -2.21 -44.46
C PHE B 207 -17.36 -1.53 -45.18
N GLY B 208 -18.57 -1.70 -44.68
CA GLY B 208 -19.72 -1.07 -45.31
C GLY B 208 -19.74 0.43 -45.15
N LEU B 209 -19.26 0.93 -44.01
CA LEU B 209 -19.15 2.37 -43.82
C LEU B 209 -18.25 2.98 -44.88
N ALA B 210 -17.07 2.40 -45.09
CA ALA B 210 -16.18 2.91 -46.13
C ALA B 210 -16.73 2.61 -47.52
N ALA B 211 -17.58 1.60 -47.65
CA ALA B 211 -18.22 1.33 -48.94
C ALA B 211 -19.16 2.44 -49.33
N SER B 212 -20.02 2.87 -48.39
CA SER B 212 -20.98 3.93 -48.69
C SER B 212 -20.27 5.24 -49.01
N ALA B 213 -19.25 5.59 -48.22
CA ALA B 213 -18.57 6.87 -48.41
C ALA B 213 -17.80 6.95 -49.72
N HIS B 214 -17.66 5.85 -50.45
CA HIS B 214 -16.95 5.86 -51.72
C HIS B 214 -17.70 5.03 -52.75
N ARG B 215 -19.03 5.12 -52.75
CA ARG B 215 -19.84 4.43 -53.74
C ARG B 215 -19.66 5.01 -55.13
N ASP B 216 -19.26 6.29 -55.22
CA ASP B 216 -19.12 6.93 -56.52
C ASP B 216 -18.01 6.29 -57.35
N LEU B 217 -16.85 6.04 -56.74
CA LEU B 217 -15.76 5.40 -57.46
C LEU B 217 -16.15 3.99 -57.89
N GLY B 218 -15.56 3.54 -58.99
CA GLY B 218 -16.03 2.30 -59.60
C GLY B 218 -15.34 1.04 -59.16
N ALA B 219 -15.95 0.34 -58.19
CA ALA B 219 -15.68 -1.05 -57.90
C ALA B 219 -14.23 -1.35 -57.49
N SER B 220 -13.39 -0.34 -57.41
CA SER B 220 -12.00 -0.63 -57.12
C SER B 220 -11.42 0.20 -56.00
N VAL B 221 -11.76 1.50 -55.93
CA VAL B 221 -11.34 2.29 -54.79
C VAL B 221 -12.33 2.16 -53.63
N MET B 222 -13.54 1.67 -53.89
CA MET B 222 -14.48 1.39 -52.81
C MET B 222 -13.97 0.25 -51.93
N VAL B 223 -13.72 -0.92 -52.53
CA VAL B 223 -13.19 -2.04 -51.77
C VAL B 223 -11.82 -1.70 -51.21
N ALA B 224 -11.04 -0.88 -51.92
CA ALA B 224 -9.74 -0.49 -51.41
C ALA B 224 -9.86 0.34 -50.15
N LYS B 225 -10.78 1.32 -50.15
CA LYS B 225 -10.97 2.14 -48.95
C LYS B 225 -11.52 1.31 -47.80
N GLY B 226 -12.43 0.38 -48.10
CA GLY B 226 -12.95 -0.52 -47.08
C GLY B 226 -11.85 -1.31 -46.41
N CYS B 227 -11.14 -2.11 -47.21
CA CYS B 227 -10.01 -2.86 -46.69
C CYS B 227 -9.03 -1.96 -45.96
N GLY B 228 -8.88 -0.71 -46.41
CA GLY B 228 -8.01 0.21 -45.69
C GLY B 228 -8.49 0.47 -44.28
N GLN B 229 -9.80 0.70 -44.13
CA GLN B 229 -10.35 0.93 -42.79
C GLN B 229 -10.16 -0.29 -41.91
N CYS B 230 -10.46 -1.47 -42.45
CA CYS B 230 -10.31 -2.70 -41.68
C CYS B 230 -8.85 -2.90 -41.26
N LEU B 231 -7.91 -2.62 -42.18
CA LEU B 231 -6.50 -2.75 -41.85
C LEU B 231 -6.09 -1.76 -40.78
N ASN B 232 -6.59 -0.53 -40.84
CA ASN B 232 -6.34 0.41 -39.75
C ASN B 232 -6.71 -0.23 -38.42
N PHE B 233 -7.96 -0.70 -38.33
CA PHE B 233 -8.46 -1.26 -37.09
C PHE B 233 -7.58 -2.41 -36.60
N ASP B 234 -7.28 -3.37 -37.49
CA ASP B 234 -6.51 -4.55 -37.08
C ASP B 234 -5.08 -4.18 -36.72
N CYS B 235 -4.32 -3.65 -37.70
CA CYS B 235 -2.95 -3.24 -37.47
C CYS B 235 -2.80 -2.35 -36.25
N SER B 236 -3.88 -1.74 -35.77
CA SER B 236 -3.79 -1.03 -34.50
C SER B 236 -3.97 -1.97 -33.31
N PHE B 237 -5.07 -2.74 -33.29
CA PHE B 237 -5.44 -3.43 -32.07
C PHE B 237 -4.74 -4.78 -31.87
N ILE B 238 -3.97 -5.26 -32.86
CA ILE B 238 -3.20 -6.48 -32.66
C ILE B 238 -2.32 -6.38 -31.40
N ALA B 239 -1.68 -5.23 -31.22
CA ALA B 239 -0.79 -5.06 -30.08
C ALA B 239 -1.54 -5.21 -28.78
N VAL B 240 -2.63 -4.45 -28.59
CA VAL B 240 -3.37 -4.53 -27.33
C VAL B 240 -3.94 -5.93 -27.16
N LEU B 241 -4.19 -6.65 -28.25
CA LEU B 241 -4.55 -8.05 -28.12
C LEU B 241 -3.42 -8.86 -27.52
N MET B 242 -2.18 -8.49 -27.83
CA MET B 242 -1.01 -9.21 -27.31
C MET B 242 -0.38 -8.51 -26.11
N LEU B 243 -1.20 -7.89 -25.27
CA LEU B 243 -0.68 -7.18 -24.10
C LEU B 243 -0.52 -8.18 -22.96
N ARG B 244 0.68 -8.23 -22.39
CA ARG B 244 0.99 -9.27 -21.42
C ARG B 244 0.55 -8.89 -20.00
N ARG B 245 0.99 -7.73 -19.52
CA ARG B 245 0.84 -7.42 -18.10
C ARG B 245 -0.61 -7.10 -17.75
N CYS B 246 -1.25 -6.20 -18.50
CA CYS B 246 -2.64 -5.86 -18.21
C CYS B 246 -3.56 -7.06 -18.35
N LEU B 247 -3.21 -8.01 -19.21
CA LEU B 247 -4.05 -9.19 -19.37
C LEU B 247 -4.11 -10.01 -18.08
N THR B 248 -2.96 -10.15 -17.40
CA THR B 248 -2.94 -10.85 -16.11
C THR B 248 -3.89 -10.19 -15.12
N TRP B 249 -3.87 -8.86 -15.04
CA TRP B 249 -4.72 -8.16 -14.08
C TRP B 249 -6.19 -8.39 -14.38
N LEU B 250 -6.53 -8.54 -15.66
CA LEU B 250 -7.91 -8.85 -16.01
C LEU B 250 -8.26 -10.31 -15.70
N ARG B 251 -7.26 -11.18 -15.67
CA ARG B 251 -7.52 -12.60 -15.45
C ARG B 251 -8.02 -12.87 -14.03
N ALA B 252 -7.73 -11.98 -13.08
CA ALA B 252 -8.11 -12.22 -11.71
C ALA B 252 -9.59 -11.99 -11.47
N THR B 253 -10.18 -10.99 -12.13
CA THR B 253 -11.57 -10.64 -11.88
C THR B 253 -12.51 -11.59 -12.62
N TRP B 254 -13.81 -11.36 -12.44
CA TRP B 254 -14.84 -12.10 -13.17
C TRP B 254 -14.78 -11.88 -14.67
N LEU B 255 -14.03 -10.87 -15.12
CA LEU B 255 -13.88 -10.65 -16.55
C LEU B 255 -13.34 -11.90 -17.24
N ALA B 256 -12.46 -12.64 -16.58
CA ALA B 256 -12.02 -13.92 -17.11
C ALA B 256 -13.18 -14.91 -17.21
N GLN B 257 -14.14 -14.80 -16.29
CA GLN B 257 -15.32 -15.66 -16.36
C GLN B 257 -16.16 -15.33 -17.59
N VAL B 258 -16.45 -14.05 -17.81
CA VAL B 258 -17.38 -13.67 -18.87
C VAL B 258 -16.76 -13.86 -20.25
N LEU B 259 -15.59 -13.16 -20.55
CA LEU B 259 -15.05 -13.41 -21.89
C LEU B 259 -13.73 -14.17 -21.80
N PRO B 260 -13.43 -15.01 -22.78
CA PRO B 260 -12.24 -15.86 -22.70
C PRO B 260 -10.98 -15.06 -23.01
N LEU B 261 -10.17 -14.84 -21.98
CA LEU B 261 -8.92 -14.10 -22.14
C LEU B 261 -7.69 -14.96 -21.94
N ASP B 262 -7.84 -16.28 -22.02
CA ASP B 262 -6.71 -17.19 -22.16
C ASP B 262 -6.41 -17.51 -23.62
N GLN B 263 -7.21 -16.99 -24.54
CA GLN B 263 -7.10 -17.31 -25.97
C GLN B 263 -6.35 -16.23 -26.74
N ASN B 264 -5.82 -15.22 -26.06
CA ASN B 264 -5.27 -14.05 -26.75
C ASN B 264 -4.24 -14.43 -27.81
N ILE B 265 -3.54 -15.55 -27.65
CA ILE B 265 -2.54 -15.93 -28.63
C ILE B 265 -3.19 -16.42 -29.92
N GLN B 266 -4.19 -17.29 -29.83
CA GLN B 266 -4.82 -17.78 -31.06
C GLN B 266 -5.99 -16.93 -31.50
N PHE B 267 -6.22 -15.79 -30.86
CA PHE B 267 -6.93 -14.68 -31.48
C PHE B 267 -5.98 -13.71 -32.15
N HIS B 268 -4.77 -13.59 -31.60
CA HIS B 268 -3.74 -12.77 -32.20
C HIS B 268 -3.29 -13.33 -33.54
N GLN B 269 -3.06 -14.65 -33.59
CA GLN B 269 -2.69 -15.26 -34.86
C GLN B 269 -3.81 -15.09 -35.88
N LEU B 270 -5.07 -15.14 -35.43
CA LEU B 270 -6.18 -14.94 -36.35
C LEU B 270 -6.21 -13.52 -36.89
N MET B 271 -6.02 -12.53 -36.01
CA MET B 271 -5.99 -11.15 -36.48
C MET B 271 -4.78 -10.89 -37.37
N GLY B 272 -3.68 -11.61 -37.16
CA GLY B 272 -2.58 -11.52 -38.09
C GLY B 272 -2.92 -12.08 -39.46
N TYR B 273 -3.54 -13.26 -39.49
CA TYR B 273 -3.97 -13.82 -40.77
C TYR B 273 -4.95 -12.89 -41.47
N VAL B 274 -5.80 -12.22 -40.70
CA VAL B 274 -6.77 -11.31 -41.31
C VAL B 274 -6.08 -10.07 -41.86
N VAL B 275 -5.09 -9.55 -41.14
CA VAL B 275 -4.30 -8.44 -41.67
C VAL B 275 -3.63 -8.84 -42.96
N VAL B 276 -3.11 -10.07 -43.03
CA VAL B 276 -2.42 -10.50 -44.25
C VAL B 276 -3.39 -10.63 -45.40
N GLY B 277 -4.54 -11.26 -45.16
CA GLY B 277 -5.54 -11.40 -46.22
C GLY B 277 -6.06 -10.07 -46.71
N LEU B 278 -6.38 -9.16 -45.78
CA LEU B 278 -6.90 -7.86 -46.15
C LEU B 278 -5.85 -7.02 -46.86
N SER B 279 -4.61 -7.01 -46.38
CA SER B 279 -3.57 -6.25 -47.05
C SER B 279 -3.29 -6.80 -48.44
N LEU B 280 -3.37 -8.11 -48.60
CA LEU B 280 -3.16 -8.68 -49.93
C LEU B 280 -4.27 -8.28 -50.89
N VAL B 281 -5.54 -8.42 -50.48
CA VAL B 281 -6.63 -8.00 -51.35
C VAL B 281 -6.59 -6.50 -51.58
N HIS B 282 -6.06 -5.75 -50.61
CA HIS B 282 -5.97 -4.30 -50.73
C HIS B 282 -4.92 -3.89 -51.76
N THR B 283 -3.77 -4.56 -51.74
CA THR B 283 -2.78 -4.36 -52.78
C THR B 283 -3.34 -4.73 -54.15
N VAL B 284 -4.10 -5.82 -54.22
CA VAL B 284 -4.69 -6.21 -55.50
C VAL B 284 -5.67 -5.16 -55.98
N ALA B 285 -6.47 -4.60 -55.06
CA ALA B 285 -7.42 -3.57 -55.45
C ALA B 285 -6.73 -2.32 -55.97
N HIS B 286 -5.69 -1.85 -55.26
CA HIS B 286 -5.02 -0.64 -55.73
C HIS B 286 -4.21 -0.88 -56.99
N THR B 287 -3.67 -2.09 -57.19
CA THR B 287 -2.96 -2.32 -58.44
C THR B 287 -3.95 -2.43 -59.61
N VAL B 288 -5.14 -2.97 -59.38
CA VAL B 288 -6.16 -2.96 -60.43
C VAL B 288 -6.59 -1.54 -60.73
N ASN B 289 -6.72 -0.71 -59.70
CA ASN B 289 -7.07 0.70 -59.93
C ASN B 289 -5.99 1.42 -60.72
N PHE B 290 -4.71 1.17 -60.39
CA PHE B 290 -3.63 1.84 -61.08
C PHE B 290 -3.43 1.29 -62.49
N VAL B 291 -3.94 0.08 -62.75
CA VAL B 291 -3.97 -0.42 -64.13
C VAL B 291 -5.09 0.26 -64.91
N LEU B 292 -6.27 0.37 -64.30
CA LEU B 292 -7.40 1.02 -64.98
C LEU B 292 -7.08 2.48 -65.29
N GLN B 293 -6.38 3.16 -64.37
CA GLN B 293 -5.95 4.53 -64.64
C GLN B 293 -4.85 4.59 -65.70
N ALA B 294 -4.23 3.45 -66.02
CA ALA B 294 -3.22 3.38 -67.06
C ALA B 294 -3.82 3.01 -68.42
N GLN B 295 -5.11 3.23 -68.61
CA GLN B 295 -5.77 2.90 -69.87
C GLN B 295 -6.21 4.16 -70.60
N GLY B 319 6.25 10.27 -55.21
CA GLY B 319 5.12 9.85 -54.41
C GLY B 319 5.52 9.34 -53.03
N SER B 320 4.53 9.09 -52.19
CA SER B 320 4.74 8.61 -50.82
C SER B 320 3.95 7.35 -50.51
N ALA B 321 2.76 7.19 -51.10
CA ALA B 321 1.86 6.12 -50.69
C ALA B 321 2.25 4.78 -51.28
N SER B 322 2.56 4.73 -52.58
CA SER B 322 2.77 3.45 -53.23
C SER B 322 4.10 2.80 -52.86
N PRO B 323 5.24 3.50 -52.82
CA PRO B 323 6.47 2.83 -52.38
C PRO B 323 6.42 2.35 -50.94
N THR B 324 5.95 3.19 -50.03
CA THR B 324 5.74 2.75 -48.66
C THR B 324 4.78 1.57 -48.61
N GLY B 325 3.79 1.54 -49.50
CA GLY B 325 2.91 0.40 -49.57
C GLY B 325 3.61 -0.88 -49.98
N VAL B 326 4.48 -0.80 -50.98
CA VAL B 326 5.22 -1.99 -51.40
C VAL B 326 6.08 -2.49 -50.26
N ALA B 327 6.75 -1.57 -49.56
CA ALA B 327 7.60 -1.99 -48.46
C ALA B 327 6.78 -2.60 -47.32
N LEU B 328 5.58 -2.05 -47.08
CA LEU B 328 4.70 -2.61 -46.07
C LEU B 328 4.26 -4.01 -46.43
N LEU B 329 3.91 -4.23 -47.70
CA LEU B 329 3.52 -5.57 -48.13
C LEU B 329 4.68 -6.55 -47.98
N LEU B 330 5.89 -6.11 -48.32
CA LEU B 330 7.05 -6.99 -48.19
C LEU B 330 7.29 -7.36 -46.73
N LEU B 331 7.17 -6.39 -45.82
CA LEU B 331 7.37 -6.70 -44.41
C LEU B 331 6.27 -7.60 -43.86
N LEU B 332 5.03 -7.35 -44.24
CA LEU B 332 3.95 -8.23 -43.79
C LEU B 332 4.17 -9.65 -44.29
N LEU B 333 4.67 -9.80 -45.51
CA LEU B 333 4.94 -11.16 -45.98
C LEU B 333 6.14 -11.76 -45.27
N LEU B 334 7.13 -10.94 -44.91
CA LEU B 334 8.23 -11.45 -44.10
C LEU B 334 7.75 -11.97 -42.75
N MET B 335 6.89 -11.21 -42.09
CA MET B 335 6.40 -11.63 -40.78
C MET B 335 5.52 -12.86 -40.90
N PHE B 336 4.63 -12.90 -41.89
CA PHE B 336 3.78 -14.07 -42.07
C PHE B 336 4.56 -15.29 -42.55
N ILE B 337 5.76 -15.09 -43.10
CA ILE B 337 6.58 -16.23 -43.52
C ILE B 337 7.47 -16.73 -42.39
N CYS B 338 8.17 -15.83 -41.71
CA CYS B 338 9.02 -16.18 -40.58
C CYS B 338 8.32 -16.02 -39.24
N SER B 339 7.00 -16.23 -39.21
CA SER B 339 6.26 -16.29 -37.97
C SER B 339 5.30 -17.48 -37.89
N SER B 340 5.31 -18.36 -38.88
CA SER B 340 4.46 -19.55 -38.82
C SER B 340 5.12 -20.61 -37.94
N SER B 341 4.33 -21.62 -37.57
CA SER B 341 4.78 -22.61 -36.59
C SER B 341 5.98 -23.40 -37.07
N CYS B 342 6.22 -23.46 -38.38
CA CYS B 342 7.37 -24.20 -38.88
C CYS B 342 8.68 -23.56 -38.45
N ILE B 343 8.65 -22.34 -37.92
CA ILE B 343 9.86 -21.64 -37.52
C ILE B 343 10.24 -21.97 -36.09
N ARG B 344 9.26 -22.07 -35.19
CA ARG B 344 9.56 -22.46 -33.82
C ARG B 344 9.57 -23.98 -33.66
N ARG B 345 8.97 -24.71 -34.60
CA ARG B 345 8.96 -26.17 -34.49
C ARG B 345 10.39 -26.71 -34.47
N SER B 346 11.14 -26.49 -35.54
CA SER B 346 12.58 -26.70 -35.46
C SER B 346 13.16 -25.77 -34.39
N GLY B 347 14.18 -26.26 -33.71
CA GLY B 347 14.61 -25.63 -32.47
C GLY B 347 15.31 -24.30 -32.59
N HIS B 348 14.73 -23.37 -33.34
CA HIS B 348 15.24 -22.00 -33.42
C HIS B 348 14.10 -21.04 -33.09
N PHE B 349 14.13 -20.47 -31.89
CA PHE B 349 13.13 -19.52 -31.44
C PHE B 349 13.56 -18.08 -31.55
N GLU B 350 14.86 -17.81 -31.44
CA GLU B 350 15.36 -16.45 -31.52
C GLU B 350 15.36 -15.93 -32.94
N VAL B 351 15.48 -16.82 -33.93
CA VAL B 351 15.25 -16.42 -35.32
C VAL B 351 13.84 -15.89 -35.48
N PHE B 352 12.86 -16.64 -34.96
CA PHE B 352 11.48 -16.18 -34.98
C PHE B 352 11.36 -14.82 -34.32
N TYR B 353 11.93 -14.66 -33.13
CA TYR B 353 11.78 -13.38 -32.44
C TYR B 353 12.40 -12.25 -33.24
N TRP B 354 13.58 -12.47 -33.81
CA TRP B 354 14.25 -11.39 -34.53
C TRP B 354 13.47 -11.00 -35.78
N THR B 355 13.06 -11.98 -36.59
CA THR B 355 12.24 -11.63 -37.75
C THR B 355 10.98 -10.92 -37.30
N HIS B 356 10.19 -11.57 -36.46
CA HIS B 356 8.91 -11.03 -36.03
C HIS B 356 9.05 -9.82 -35.14
N LEU B 357 10.26 -9.32 -34.93
CA LEU B 357 10.42 -8.01 -34.31
C LEU B 357 10.10 -6.88 -35.27
N SER B 358 9.95 -7.17 -36.57
CA SER B 358 9.77 -6.12 -37.57
C SER B 358 8.39 -5.47 -37.52
N TYR B 359 7.52 -5.86 -36.58
CA TYR B 359 6.27 -5.13 -36.40
C TYR B 359 6.55 -3.66 -36.08
N LEU B 360 7.66 -3.37 -35.43
CA LEU B 360 8.06 -1.99 -35.20
C LEU B 360 8.17 -1.22 -36.50
N LEU B 361 8.91 -1.77 -37.46
CA LEU B 361 9.11 -1.06 -38.72
C LEU B 361 7.85 -1.08 -39.56
N VAL B 362 6.99 -2.10 -39.38
CA VAL B 362 5.69 -2.07 -40.06
C VAL B 362 4.85 -0.92 -39.54
N TRP B 363 4.84 -0.69 -38.23
CA TRP B 363 4.12 0.45 -37.67
C TRP B 363 4.72 1.76 -38.15
N LEU B 364 6.05 1.86 -38.14
CA LEU B 364 6.73 3.05 -38.66
C LEU B 364 6.25 3.35 -40.08
N LEU B 365 6.43 2.39 -40.98
CA LEU B 365 5.99 2.56 -42.37
C LEU B 365 4.52 2.96 -42.44
N LEU B 366 3.68 2.37 -41.60
CA LEU B 366 2.25 2.63 -41.70
C LEU B 366 1.84 3.97 -41.10
N ILE B 367 2.69 4.60 -40.28
CA ILE B 367 2.31 5.89 -39.70
C ILE B 367 2.09 6.90 -40.81
N PHE B 368 3.12 7.18 -41.60
CA PHE B 368 2.95 8.07 -42.74
C PHE B 368 2.63 7.30 -44.02
N HIS B 369 1.66 6.41 -43.93
CA HIS B 369 1.07 5.77 -45.09
C HIS B 369 -0.44 5.85 -45.09
N GLY B 370 -1.07 5.75 -43.92
CA GLY B 370 -2.49 5.94 -43.80
C GLY B 370 -2.79 7.26 -43.11
N PRO B 371 -3.63 8.08 -43.73
CA PRO B 371 -3.90 9.41 -43.18
C PRO B 371 -4.43 9.38 -41.75
N ASN B 372 -5.54 8.69 -41.56
CA ASN B 372 -6.21 8.64 -40.26
C ASN B 372 -5.70 7.50 -39.39
N PHE B 373 -4.58 6.86 -39.75
CA PHE B 373 -4.17 5.65 -39.05
C PHE B 373 -3.59 5.94 -37.68
N TRP B 374 -2.81 7.02 -37.55
CA TRP B 374 -2.16 7.28 -36.26
C TRP B 374 -3.17 7.43 -35.14
N LYS B 375 -4.37 7.92 -35.44
CA LYS B 375 -5.42 7.99 -34.43
C LYS B 375 -5.71 6.61 -33.85
N TRP B 376 -5.90 5.61 -34.72
CA TRP B 376 -6.10 4.25 -34.25
C TRP B 376 -4.86 3.75 -33.50
N LEU B 377 -3.68 3.94 -34.10
CA LEU B 377 -2.46 3.36 -33.56
C LEU B 377 -2.09 3.92 -32.19
N LEU B 378 -2.55 5.12 -31.85
CA LEU B 378 -2.01 5.79 -30.68
C LEU B 378 -2.34 5.06 -29.39
N VAL B 379 -3.64 4.85 -29.11
CA VAL B 379 -4.07 4.34 -27.82
C VAL B 379 -3.56 2.92 -27.58
N PRO B 380 -3.82 1.95 -28.46
CA PRO B 380 -3.18 0.64 -28.26
C PRO B 380 -1.67 0.70 -28.35
N GLY B 381 -1.13 1.53 -29.25
CA GLY B 381 0.31 1.67 -29.33
C GLY B 381 0.93 2.23 -28.07
N ILE B 382 0.28 3.24 -27.48
CA ILE B 382 0.83 3.83 -26.25
C ILE B 382 0.66 2.86 -25.09
N LEU B 383 -0.43 2.09 -25.08
CA LEU B 383 -0.56 1.04 -24.07
C LEU B 383 0.57 0.04 -24.19
N PHE B 384 0.88 -0.38 -25.42
CA PHE B 384 1.94 -1.36 -25.63
C PHE B 384 3.29 -0.81 -25.21
N PHE B 385 3.58 0.44 -25.57
CA PHE B 385 4.85 1.03 -25.18
C PHE B 385 4.94 1.19 -23.67
N LEU B 386 3.83 1.58 -23.02
CA LEU B 386 3.82 1.69 -21.57
C LEU B 386 4.09 0.35 -20.92
N GLU B 387 3.48 -0.72 -21.45
CA GLU B 387 3.66 -2.03 -20.83
C GLU B 387 5.06 -2.57 -21.06
N LYS B 388 5.63 -2.33 -22.24
CA LYS B 388 7.02 -2.71 -22.47
C LYS B 388 7.98 -1.86 -21.65
N ALA B 389 7.57 -0.66 -21.24
CA ALA B 389 8.45 0.16 -20.40
C ALA B 389 8.36 -0.26 -18.93
N ILE B 390 7.15 -0.53 -18.45
CA ILE B 390 6.98 -1.03 -17.08
C ILE B 390 7.80 -2.31 -16.89
N GLY B 391 7.84 -3.16 -17.91
CA GLY B 391 8.62 -4.37 -17.84
C GLY B 391 10.07 -4.15 -18.20
N LEU B 392 10.92 -4.08 -17.18
CA LEU B 392 12.34 -3.85 -17.33
C LEU B 392 13.08 -5.08 -16.82
N ALA B 393 14.42 -4.98 -16.73
CA ALA B 393 15.25 -6.14 -16.44
C ALA B 393 14.76 -6.90 -15.22
N VAL B 394 14.77 -6.27 -14.05
CA VAL B 394 14.47 -6.97 -12.81
C VAL B 394 13.33 -6.24 -12.09
N SER B 395 12.39 -5.69 -12.86
CA SER B 395 11.25 -5.01 -12.25
C SER B 395 10.51 -5.94 -11.29
N ARG B 396 9.99 -7.05 -11.79
CA ARG B 396 9.46 -8.12 -10.96
C ARG B 396 10.18 -9.44 -11.20
N MET B 397 11.22 -9.43 -12.01
CA MET B 397 11.98 -10.62 -12.36
C MET B 397 12.85 -11.07 -11.19
N ALA B 398 13.48 -12.23 -11.37
CA ALA B 398 14.46 -12.75 -10.43
C ALA B 398 15.28 -13.81 -11.13
N ALA B 399 16.59 -13.73 -11.01
CA ALA B 399 17.48 -14.62 -11.76
C ALA B 399 17.72 -15.92 -11.00
N VAL B 400 16.62 -16.58 -10.61
CA VAL B 400 16.69 -17.78 -9.79
C VAL B 400 17.34 -18.89 -10.59
N CYS B 401 17.81 -19.93 -9.91
CA CYS B 401 18.53 -21.02 -10.54
C CYS B 401 17.85 -22.34 -10.24
N ILE B 402 17.70 -23.16 -11.28
CA ILE B 402 17.19 -24.51 -11.09
C ILE B 402 18.08 -25.26 -10.13
N MET B 403 17.48 -25.83 -9.09
CA MET B 403 18.24 -26.67 -8.18
C MET B 403 18.21 -28.14 -8.59
N GLU B 404 17.21 -28.54 -9.36
CA GLU B 404 17.11 -29.91 -9.85
C GLU B 404 16.02 -29.96 -10.91
N VAL B 405 16.05 -31.02 -11.71
CA VAL B 405 15.05 -31.27 -12.74
C VAL B 405 14.80 -32.77 -12.79
N ASN B 406 13.54 -33.16 -12.71
CA ASN B 406 13.16 -34.55 -12.92
C ASN B 406 12.45 -34.67 -14.25
N LEU B 407 12.32 -35.90 -14.74
CA LEU B 407 11.62 -36.18 -15.99
C LEU B 407 10.65 -37.32 -15.71
N LEU B 408 9.44 -36.96 -15.33
CA LEU B 408 8.39 -37.92 -15.02
C LEU B 408 7.91 -38.58 -16.30
N PRO B 409 7.10 -39.62 -16.22
CA PRO B 409 6.55 -40.22 -17.44
C PRO B 409 5.56 -39.27 -18.10
N SER B 410 5.22 -39.60 -19.35
CA SER B 410 4.34 -38.81 -20.21
C SER B 410 4.98 -37.50 -20.65
N LYS B 411 6.31 -37.43 -20.61
CA LYS B 411 7.08 -36.31 -21.17
C LYS B 411 6.86 -35.02 -20.39
N VAL B 412 6.52 -35.13 -19.11
CA VAL B 412 6.39 -33.97 -18.24
C VAL B 412 7.67 -33.81 -17.44
N THR B 413 8.28 -32.64 -17.53
CA THR B 413 9.42 -32.32 -16.69
C THR B 413 8.93 -31.72 -15.39
N HIS B 414 9.74 -31.87 -14.34
CA HIS B 414 9.36 -31.47 -13.00
C HIS B 414 10.47 -30.60 -12.45
N LEU B 415 10.42 -29.31 -12.78
CA LEU B 415 11.44 -28.39 -12.32
C LEU B 415 11.35 -28.21 -10.82
N LEU B 416 12.49 -28.25 -10.15
CA LEU B 416 12.59 -27.85 -8.76
C LEU B 416 13.51 -26.64 -8.74
N ILE B 417 12.93 -25.47 -8.93
CA ILE B 417 13.72 -24.25 -8.93
C ILE B 417 13.98 -23.86 -7.49
N LYS B 418 14.97 -23.00 -7.28
CA LYS B 418 15.34 -22.58 -5.94
C LYS B 418 14.50 -21.38 -5.52
N ARG B 419 13.91 -21.46 -4.33
CA ARG B 419 13.00 -20.43 -3.91
C ARG B 419 13.75 -19.12 -3.70
N PRO B 420 13.24 -18.01 -4.21
CA PRO B 420 13.84 -16.71 -3.92
C PRO B 420 13.47 -16.28 -2.52
N PRO B 421 14.39 -15.60 -1.81
CA PRO B 421 14.14 -15.26 -0.40
C PRO B 421 12.82 -14.55 -0.17
N PHE B 422 12.59 -13.43 -0.84
CA PHE B 422 11.34 -12.69 -0.70
C PHE B 422 10.38 -13.03 -1.83
N PHE B 423 10.00 -14.31 -1.89
CA PHE B 423 9.01 -14.80 -2.85
C PHE B 423 7.92 -15.52 -2.06
N HIS B 424 6.79 -14.85 -1.87
CA HIS B 424 5.68 -15.39 -1.10
C HIS B 424 4.45 -15.43 -1.98
N TYR B 425 3.88 -16.62 -2.15
CA TYR B 425 2.73 -16.83 -3.03
C TYR B 425 1.65 -17.59 -2.30
N ARG B 426 0.39 -17.27 -2.62
CA ARG B 426 -0.72 -18.08 -2.18
C ARG B 426 -0.76 -19.36 -2.98
N PRO B 427 -1.44 -20.40 -2.50
CA PRO B 427 -1.54 -21.64 -3.26
C PRO B 427 -2.35 -21.42 -4.53
N GLY B 428 -1.76 -21.77 -5.67
CA GLY B 428 -2.38 -21.60 -6.95
C GLY B 428 -1.92 -20.39 -7.75
N ASP B 429 -0.78 -19.81 -7.40
CA ASP B 429 -0.28 -18.61 -8.06
C ASP B 429 0.70 -19.01 -9.15
N TYR B 430 0.33 -18.77 -10.40
CA TYR B 430 1.17 -19.12 -11.53
C TYR B 430 2.25 -18.07 -11.76
N LEU B 431 3.36 -18.50 -12.36
CA LEU B 431 4.47 -17.62 -12.68
C LEU B 431 4.82 -17.76 -14.14
N TYR B 432 5.57 -16.78 -14.66
CA TYR B 432 5.96 -16.73 -16.07
C TYR B 432 7.43 -17.12 -16.16
N LEU B 433 7.68 -18.37 -16.51
CA LEU B 433 9.05 -18.89 -16.54
C LEU B 433 9.78 -18.44 -17.80
N ASN B 434 11.10 -18.38 -17.71
CA ASN B 434 11.97 -17.98 -18.81
C ASN B 434 13.26 -18.78 -18.70
N ILE B 435 13.62 -19.49 -19.76
CA ILE B 435 14.86 -20.27 -19.74
C ILE B 435 15.72 -19.87 -20.94
N PRO B 436 16.74 -19.04 -20.75
CA PRO B 436 17.56 -18.60 -21.89
C PRO B 436 18.15 -19.74 -22.71
N THR B 437 18.51 -20.85 -22.08
CA THR B 437 19.08 -21.96 -22.83
C THR B 437 18.14 -22.44 -23.93
N ILE B 438 16.83 -22.37 -23.68
CA ILE B 438 15.84 -22.84 -24.63
C ILE B 438 15.51 -21.73 -25.62
N ALA B 439 14.99 -20.62 -25.11
CA ALA B 439 14.57 -19.50 -25.95
C ALA B 439 14.75 -18.22 -25.16
N ARG B 440 15.49 -17.27 -25.73
CA ARG B 440 15.97 -16.16 -24.92
C ARG B 440 14.85 -15.21 -24.51
N TYR B 441 13.86 -15.00 -25.37
CA TYR B 441 12.90 -13.92 -25.16
C TYR B 441 11.47 -14.42 -25.04
N GLU B 442 11.27 -15.69 -24.74
CA GLU B 442 9.95 -16.26 -24.55
C GLU B 442 9.63 -16.34 -23.07
N TRP B 443 8.39 -15.99 -22.72
CA TRP B 443 7.95 -16.06 -21.34
C TRP B 443 6.65 -16.85 -21.28
N HIS B 444 6.75 -18.13 -20.93
CA HIS B 444 5.57 -18.97 -20.85
C HIS B 444 5.11 -19.11 -19.41
N PRO B 445 3.82 -18.92 -19.14
CA PRO B 445 3.33 -19.06 -17.77
C PRO B 445 3.38 -20.50 -17.32
N PHE B 446 3.28 -20.70 -16.02
CA PHE B 446 3.30 -22.02 -15.43
C PHE B 446 2.73 -21.92 -14.03
N THR B 447 2.00 -22.95 -13.62
CA THR B 447 1.31 -22.93 -12.33
C THR B 447 2.21 -23.59 -11.28
N ILE B 448 2.48 -22.86 -10.20
CA ILE B 448 3.31 -23.39 -9.13
C ILE B 448 2.59 -24.58 -8.50
N SER B 449 3.24 -25.74 -8.54
CA SER B 449 2.65 -27.00 -8.08
C SER B 449 3.29 -27.46 -6.78
N SER B 450 3.58 -26.53 -5.88
CA SER B 450 4.17 -26.85 -4.57
C SER B 450 3.56 -25.92 -3.54
N ALA B 451 2.96 -26.49 -2.50
CA ALA B 451 2.34 -25.74 -1.42
C ALA B 451 3.26 -24.64 -0.91
N PRO B 452 2.72 -23.46 -0.60
CA PRO B 452 3.59 -22.36 -0.15
C PRO B 452 4.43 -22.70 1.07
N GLU B 453 4.01 -23.68 1.87
CA GLU B 453 4.80 -24.03 3.05
C GLU B 453 6.14 -24.66 2.67
N GLN B 454 6.31 -25.08 1.41
CA GLN B 454 7.64 -25.44 0.94
C GLN B 454 8.55 -24.23 1.09
N LYS B 455 9.54 -24.33 1.98
CA LYS B 455 10.44 -23.22 2.19
C LYS B 455 11.73 -23.33 1.39
N ASP B 456 12.10 -24.54 0.97
CA ASP B 456 13.35 -24.72 0.24
C ASP B 456 13.19 -24.36 -1.23
N THR B 457 12.28 -25.04 -1.93
CA THR B 457 12.19 -24.89 -3.38
C THR B 457 10.80 -24.48 -3.85
N ILE B 458 10.65 -24.41 -5.17
CA ILE B 458 9.38 -24.13 -5.83
C ILE B 458 9.26 -25.12 -6.96
N TRP B 459 8.30 -26.03 -6.88
CA TRP B 459 8.16 -26.98 -7.96
C TRP B 459 7.48 -26.32 -9.15
N LEU B 460 7.61 -26.94 -10.30
CA LEU B 460 6.86 -26.56 -11.49
C LEU B 460 6.75 -27.81 -12.33
N HIS B 461 5.53 -28.25 -12.62
CA HIS B 461 5.31 -29.37 -13.51
C HIS B 461 4.92 -28.82 -14.86
N ILE B 462 5.74 -29.14 -15.87
CA ILE B 462 5.69 -28.49 -17.18
C ILE B 462 5.37 -29.57 -18.19
N ARG B 463 4.11 -29.68 -18.58
CA ARG B 463 3.68 -30.74 -19.46
C ARG B 463 4.04 -30.41 -20.89
N SER B 464 4.53 -31.42 -21.61
CA SER B 464 4.93 -31.27 -23.00
C SER B 464 3.68 -31.16 -23.87
N GLN B 465 3.40 -29.95 -24.37
CA GLN B 465 2.21 -29.73 -25.19
C GLN B 465 2.45 -28.73 -26.32
N GLY B 466 3.69 -28.59 -26.78
CA GLY B 466 3.94 -27.61 -27.82
C GLY B 466 5.35 -27.59 -28.37
N GLN B 467 5.91 -26.40 -28.57
CA GLN B 467 7.24 -26.24 -29.12
C GLN B 467 8.26 -25.76 -28.10
N TRP B 468 7.88 -24.89 -27.17
CA TRP B 468 8.80 -24.53 -26.10
C TRP B 468 8.95 -25.68 -25.12
N THR B 469 7.85 -26.10 -24.50
CA THR B 469 7.93 -27.13 -23.47
C THR B 469 8.53 -28.42 -24.02
N ASN B 470 8.22 -28.77 -25.27
CA ASN B 470 8.90 -29.91 -25.90
C ASN B 470 10.39 -29.66 -26.00
N ARG B 471 10.78 -28.43 -26.35
CA ARG B 471 12.20 -28.14 -26.41
C ARG B 471 12.84 -28.31 -25.04
N LEU B 472 12.12 -27.94 -23.98
CA LEU B 472 12.61 -28.13 -22.62
C LEU B 472 12.84 -29.60 -22.33
N TYR B 473 11.82 -30.42 -22.57
CA TYR B 473 11.93 -31.85 -22.28
C TYR B 473 13.07 -32.48 -23.06
N GLU B 474 13.13 -32.23 -24.38
CA GLU B 474 14.18 -32.82 -25.19
C GLU B 474 15.55 -32.33 -24.77
N SER B 475 15.66 -31.04 -24.42
CA SER B 475 16.96 -30.48 -24.04
C SER B 475 17.47 -31.13 -22.75
N PHE B 476 16.63 -31.18 -21.73
CA PHE B 476 17.07 -31.81 -20.49
C PHE B 476 17.10 -33.32 -20.57
N LYS B 477 16.58 -33.91 -21.66
CA LYS B 477 16.74 -35.33 -21.91
C LYS B 477 18.19 -35.71 -22.22
N ALA B 478 19.06 -34.73 -22.44
CA ALA B 478 20.47 -35.00 -22.71
C ALA B 478 21.18 -35.50 -21.45
N CYS B 515 21.74 -30.60 -12.04
CA CYS B 515 21.41 -29.58 -13.03
C CYS B 515 21.30 -28.22 -12.36
N ASN B 516 21.89 -27.20 -12.96
CA ASN B 516 21.76 -25.83 -12.45
C ASN B 516 21.98 -24.88 -13.61
N ILE B 517 20.90 -24.24 -14.07
CA ILE B 517 20.90 -23.35 -15.22
C ILE B 517 20.25 -22.04 -14.79
N LYS B 518 20.11 -21.11 -15.72
CA LYS B 518 19.51 -19.82 -15.43
C LYS B 518 18.01 -19.86 -15.73
N CYS B 519 17.24 -19.22 -14.85
CA CYS B 519 15.82 -19.00 -15.08
C CYS B 519 15.46 -17.63 -14.54
N TYR B 520 14.39 -17.05 -15.09
CA TYR B 520 13.96 -15.71 -14.72
C TYR B 520 12.44 -15.75 -14.53
N ILE B 521 12.00 -16.08 -13.32
CA ILE B 521 10.57 -16.14 -13.05
C ILE B 521 10.04 -14.73 -12.84
N ASP B 522 8.72 -14.57 -13.01
CA ASP B 522 8.09 -13.26 -12.90
C ASP B 522 6.90 -13.36 -11.95
N GLY B 523 7.17 -13.27 -10.65
CA GLY B 523 6.17 -13.00 -9.65
C GLY B 523 5.08 -14.05 -9.52
N PRO B 524 4.34 -13.97 -8.43
CA PRO B 524 3.10 -14.75 -8.33
C PRO B 524 1.90 -13.99 -8.86
N TYR B 525 1.21 -14.56 -9.85
CA TYR B 525 -0.06 -14.04 -10.34
C TYR B 525 -1.12 -15.10 -10.11
N GLY B 526 -2.37 -14.69 -10.06
CA GLY B 526 -3.48 -15.62 -9.93
C GLY B 526 -4.46 -15.23 -8.86
N THR B 527 -5.62 -15.88 -8.88
CA THR B 527 -6.70 -15.54 -7.97
C THR B 527 -6.36 -15.95 -6.55
N PRO B 528 -6.63 -15.09 -5.56
CA PRO B 528 -6.52 -15.52 -4.16
C PRO B 528 -7.69 -16.42 -3.79
N THR B 529 -7.36 -17.53 -3.12
CA THR B 529 -8.34 -18.59 -2.86
C THR B 529 -8.65 -18.74 -1.37
N ARG B 530 -8.70 -17.65 -0.62
CA ARG B 530 -9.02 -17.73 0.80
C ARG B 530 -10.40 -18.31 1.06
N ARG B 531 -11.29 -18.31 0.06
CA ARG B 531 -12.62 -18.87 0.26
C ARG B 531 -12.58 -20.36 0.53
N ILE B 532 -11.53 -21.06 0.08
CA ILE B 532 -11.40 -22.48 0.36
C ILE B 532 -11.01 -22.70 1.81
N PHE B 533 -9.89 -22.10 2.23
CA PHE B 533 -9.40 -22.29 3.59
C PHE B 533 -10.34 -21.69 4.62
N ALA B 534 -11.13 -20.69 4.24
CA ALA B 534 -12.16 -20.17 5.12
C ALA B 534 -13.51 -20.80 4.74
N SER B 535 -13.62 -22.08 5.07
CA SER B 535 -14.84 -22.82 4.78
C SER B 535 -14.83 -24.10 5.61
N GLU B 536 -15.90 -24.86 5.50
CA GLU B 536 -16.00 -26.18 6.11
C GLU B 536 -16.52 -27.17 5.08
N HIS B 537 -15.94 -28.36 5.08
CA HIS B 537 -16.29 -29.41 4.15
C HIS B 537 -16.31 -28.91 2.71
N ALA B 538 -15.28 -28.14 2.36
CA ALA B 538 -15.13 -27.70 0.98
C ALA B 538 -15.06 -28.91 0.06
N VAL B 539 -15.63 -28.79 -1.12
CA VAL B 539 -15.65 -29.87 -2.10
C VAL B 539 -14.96 -29.33 -3.33
N LEU B 540 -13.65 -29.52 -3.41
CA LEU B 540 -12.90 -29.12 -4.57
C LEU B 540 -13.17 -30.09 -5.71
N ILE B 541 -13.65 -29.58 -6.84
CA ILE B 541 -13.98 -30.41 -7.99
C ILE B 541 -13.20 -29.87 -9.18
N GLY B 542 -12.25 -30.64 -9.67
CA GLY B 542 -11.48 -30.21 -10.81
C GLY B 542 -11.68 -31.10 -12.01
N ALA B 543 -12.20 -30.54 -13.10
CA ALA B 543 -12.46 -31.28 -14.31
C ALA B 543 -11.53 -30.82 -15.43
N GLY B 544 -11.46 -31.61 -16.48
CA GLY B 544 -10.61 -31.26 -17.59
C GLY B 544 -9.15 -31.42 -17.22
N ILE B 545 -8.34 -30.43 -17.59
CA ILE B 545 -6.90 -30.47 -17.38
C ILE B 545 -6.35 -29.22 -16.73
N GLY B 546 -7.22 -28.36 -16.19
CA GLY B 546 -6.72 -27.17 -15.51
C GLY B 546 -6.58 -27.35 -14.02
N ILE B 547 -6.05 -28.49 -13.59
CA ILE B 547 -6.04 -28.86 -12.18
C ILE B 547 -4.63 -28.97 -11.62
N THR B 548 -3.64 -28.34 -12.23
CA THR B 548 -2.34 -28.26 -11.59
C THR B 548 -2.37 -27.42 -10.31
N PRO B 549 -3.06 -26.28 -10.24
CA PRO B 549 -3.12 -25.57 -8.96
C PRO B 549 -3.83 -26.32 -7.87
N PHE B 550 -4.63 -27.34 -8.19
CA PHE B 550 -5.20 -28.14 -7.11
C PHE B 550 -4.17 -29.00 -6.42
N ALA B 551 -3.07 -29.34 -7.10
CA ALA B 551 -1.96 -29.96 -6.39
C ALA B 551 -1.43 -29.04 -5.30
N SER B 552 -1.24 -27.77 -5.64
CA SER B 552 -0.75 -26.80 -4.66
C SER B 552 -1.76 -26.61 -3.54
N ILE B 553 -3.04 -26.52 -3.89
CA ILE B 553 -4.07 -26.30 -2.90
C ILE B 553 -4.16 -27.47 -1.93
N LEU B 554 -4.14 -28.70 -2.45
CA LEU B 554 -4.24 -29.86 -1.58
C LEU B 554 -3.00 -30.01 -0.71
N GLN B 555 -1.82 -29.77 -1.26
CA GLN B 555 -0.64 -29.86 -0.41
C GLN B 555 -0.65 -28.79 0.67
N SER B 556 -1.13 -27.58 0.36
CA SER B 556 -1.20 -26.55 1.38
C SER B 556 -2.23 -26.90 2.45
N ILE B 557 -3.36 -27.47 2.03
CA ILE B 557 -4.37 -27.90 3.00
C ILE B 557 -3.80 -28.93 3.95
N MET B 558 -3.16 -29.96 3.41
CA MET B 558 -2.66 -31.01 4.28
C MET B 558 -1.49 -30.54 5.14
N TYR B 559 -0.68 -29.60 4.63
CA TYR B 559 0.38 -29.04 5.45
C TYR B 559 -0.20 -28.24 6.61
N ARG B 560 -1.19 -27.39 6.34
CA ARG B 560 -1.80 -26.60 7.40
C ARG B 560 -2.64 -27.46 8.33
N HIS B 561 -3.02 -28.66 7.91
CA HIS B 561 -3.70 -29.58 8.82
C HIS B 561 -2.73 -30.29 9.73
N GLN B 562 -1.63 -30.81 9.17
CA GLN B 562 -0.58 -31.36 10.02
C GLN B 562 0.01 -30.32 10.97
N LYS B 563 -0.06 -29.03 10.61
CA LYS B 563 0.43 -27.97 11.47
C LYS B 563 -0.52 -27.63 12.61
N ARG B 564 -1.52 -28.48 12.87
CA ARG B 564 -2.33 -28.35 14.07
C ARG B 564 -2.48 -29.70 14.77
N LYS B 565 -1.41 -30.50 14.75
CA LYS B 565 -1.34 -31.73 15.53
C LYS B 565 -0.18 -31.59 16.52
N HIS B 566 -0.50 -31.20 17.75
CA HIS B 566 0.51 -30.99 18.77
C HIS B 566 0.71 -32.24 19.60
N THR B 567 1.90 -32.35 20.18
CA THR B 567 2.26 -33.43 21.08
C THR B 567 3.16 -32.91 22.17
N CYS B 568 2.83 -33.22 23.42
CA CYS B 568 3.59 -32.69 24.55
C CYS B 568 5.00 -33.27 24.53
N PRO B 569 6.03 -32.42 24.58
CA PRO B 569 7.41 -32.95 24.57
C PRO B 569 7.76 -33.76 25.81
N SER B 570 6.91 -33.78 26.83
CA SER B 570 7.16 -34.57 28.03
C SER B 570 6.16 -35.70 28.20
N CYS B 571 4.86 -35.39 28.18
CA CYS B 571 3.83 -36.42 28.34
C CYS B 571 3.67 -37.26 27.09
N GLN B 572 4.12 -36.77 25.93
CA GLN B 572 3.97 -37.44 24.65
C GLN B 572 2.51 -37.59 24.27
N HIS B 573 1.62 -36.99 25.06
CA HIS B 573 0.20 -36.98 24.75
C HIS B 573 -0.08 -36.13 23.52
N SER B 574 -0.41 -36.77 22.41
CA SER B 574 -0.69 -36.07 21.17
C SER B 574 -2.15 -35.66 21.14
N TRP B 575 -2.40 -34.35 21.12
CA TRP B 575 -3.75 -33.83 21.04
C TRP B 575 -3.86 -32.93 19.82
N ILE B 576 -5.05 -32.92 19.23
CA ILE B 576 -5.31 -32.20 17.98
C ILE B 576 -6.03 -30.91 18.34
N GLU B 577 -5.40 -29.78 18.05
CA GLU B 577 -6.07 -28.51 18.24
C GLU B 577 -7.30 -28.42 17.33
N GLY B 578 -8.29 -27.66 17.77
CA GLY B 578 -9.42 -27.34 16.92
C GLY B 578 -9.05 -26.40 15.79
N VAL B 579 -10.03 -25.64 15.29
CA VAL B 579 -9.78 -24.75 14.18
C VAL B 579 -8.75 -23.70 14.55
N GLN B 580 -7.84 -23.42 13.62
CA GLN B 580 -6.81 -22.38 13.78
C GLN B 580 -7.26 -21.02 13.25
N ASP B 581 -8.41 -20.96 12.60
CA ASP B 581 -9.04 -19.73 12.12
C ASP B 581 -8.31 -19.13 10.92
N ASN B 582 -7.16 -19.70 10.56
CA ASN B 582 -6.56 -19.44 9.26
C ASN B 582 -6.96 -20.48 8.24
N MET B 583 -7.21 -21.71 8.67
CA MET B 583 -7.87 -22.74 7.89
C MET B 583 -8.96 -23.33 8.76
N LYS B 584 -10.20 -23.32 8.28
CA LYS B 584 -11.35 -23.65 9.11
C LYS B 584 -12.03 -24.93 8.64
N LEU B 585 -11.31 -25.81 7.95
CA LEU B 585 -11.94 -26.95 7.30
C LEU B 585 -12.06 -28.11 8.26
N HIS B 586 -13.13 -28.89 8.07
CA HIS B 586 -13.34 -30.13 8.80
C HIS B 586 -13.39 -31.34 7.88
N LYS B 587 -13.57 -31.12 6.59
CA LYS B 587 -13.50 -32.19 5.59
C LYS B 587 -13.10 -31.57 4.27
N VAL B 588 -12.62 -32.40 3.36
CA VAL B 588 -12.35 -31.99 1.98
C VAL B 588 -12.69 -33.17 1.09
N ASP B 589 -13.37 -32.90 -0.01
CA ASP B 589 -13.46 -33.86 -1.11
C ASP B 589 -12.60 -33.36 -2.25
N PHE B 590 -12.22 -34.25 -3.14
CA PHE B 590 -11.53 -33.89 -4.36
C PHE B 590 -12.02 -34.83 -5.45
N ILE B 591 -12.76 -34.28 -6.40
CA ILE B 591 -13.32 -35.07 -7.48
C ILE B 591 -12.61 -34.62 -8.75
N TRP B 592 -11.57 -35.33 -9.13
CA TRP B 592 -10.85 -35.04 -10.37
C TRP B 592 -11.47 -35.87 -11.48
N ILE B 593 -12.19 -35.21 -12.37
CA ILE B 593 -12.82 -35.86 -13.52
C ILE B 593 -12.01 -35.53 -14.75
N ASN B 594 -11.68 -36.54 -15.54
CA ASN B 594 -10.89 -36.34 -16.75
C ASN B 594 -11.24 -37.45 -17.71
N ARG B 595 -10.58 -37.44 -18.87
CA ARG B 595 -10.76 -38.53 -19.82
C ARG B 595 -9.77 -39.66 -19.61
N ASP B 596 -8.62 -39.39 -19.01
CA ASP B 596 -7.62 -40.41 -18.73
C ASP B 596 -6.57 -39.77 -17.81
N GLN B 597 -5.49 -40.52 -17.56
CA GLN B 597 -4.36 -40.01 -16.80
C GLN B 597 -3.16 -39.91 -17.73
N ARG B 598 -3.38 -39.40 -18.95
CA ARG B 598 -2.33 -39.43 -19.96
C ARG B 598 -1.09 -38.68 -19.49
N SER B 599 -1.26 -37.43 -19.08
CA SER B 599 -0.13 -36.61 -18.66
C SER B 599 0.00 -36.49 -17.15
N PHE B 600 -1.06 -36.76 -16.40
CA PHE B 600 -1.06 -36.54 -14.95
C PHE B 600 -0.75 -37.83 -14.21
N GLU B 601 0.51 -38.27 -14.29
CA GLU B 601 0.96 -39.33 -13.39
C GLU B 601 1.52 -38.74 -12.10
N TRP B 602 2.20 -37.60 -12.19
CA TRP B 602 2.65 -36.91 -10.99
C TRP B 602 1.48 -36.58 -10.09
N PHE B 603 0.35 -36.18 -10.65
CA PHE B 603 -0.81 -35.83 -9.84
C PHE B 603 -1.34 -37.05 -9.10
N VAL B 604 -1.48 -38.17 -9.80
CA VAL B 604 -2.00 -39.38 -9.17
C VAL B 604 -1.05 -39.83 -8.06
N SER B 605 0.26 -39.77 -8.31
CA SER B 605 1.21 -40.15 -7.27
C SER B 605 1.12 -39.22 -6.07
N LEU B 606 1.03 -37.91 -6.32
CA LEU B 606 0.94 -36.96 -5.22
C LEU B 606 -0.33 -37.16 -4.41
N LEU B 607 -1.42 -37.52 -5.08
CA LEU B 607 -2.67 -37.73 -4.34
C LEU B 607 -2.63 -39.01 -3.53
N THR B 608 -2.07 -40.08 -4.09
CA THR B 608 -1.89 -41.26 -3.25
C THR B 608 -0.99 -40.96 -2.06
N LYS B 609 0.01 -40.10 -2.25
CA LYS B 609 0.87 -39.75 -1.12
C LYS B 609 0.09 -38.98 -0.06
N LEU B 610 -0.67 -37.95 -0.47
CA LEU B 610 -1.43 -37.18 0.51
C LEU B 610 -2.58 -37.96 1.11
N GLU B 611 -3.00 -39.06 0.49
CA GLU B 611 -4.05 -39.87 1.07
C GLU B 611 -3.47 -40.90 2.05
N MET B 612 -2.30 -41.45 1.74
CA MET B 612 -1.66 -42.35 2.67
C MET B 612 -1.06 -41.59 3.85
N ASP B 613 -0.75 -40.32 3.67
CA ASP B 613 -0.20 -39.50 4.74
C ASP B 613 -1.12 -39.51 5.96
N GLN B 614 -2.42 -39.28 5.75
CA GLN B 614 -3.40 -39.32 6.82
C GLN B 614 -4.15 -40.63 6.88
N ALA B 615 -3.73 -41.65 6.12
CA ALA B 615 -4.45 -42.92 6.09
C ALA B 615 -4.48 -43.59 7.46
N GLU B 616 -3.42 -43.44 8.25
CA GLU B 616 -3.46 -43.97 9.61
C GLU B 616 -4.27 -43.07 10.54
N GLU B 617 -4.37 -41.79 10.22
CA GLU B 617 -5.22 -40.87 10.96
C GLU B 617 -6.70 -41.14 10.76
N ALA B 618 -7.05 -41.99 9.80
CA ALA B 618 -8.44 -42.36 9.55
C ALA B 618 -9.04 -43.20 10.66
N GLN B 619 -8.26 -43.55 11.69
CA GLN B 619 -8.81 -44.32 12.80
C GLN B 619 -9.87 -43.54 13.56
N TYR B 620 -9.72 -42.22 13.67
CA TYR B 620 -10.72 -41.36 14.30
C TYR B 620 -11.51 -40.52 13.31
N GLY B 621 -10.84 -39.95 12.30
CA GLY B 621 -11.53 -39.11 11.34
C GLY B 621 -10.76 -38.94 10.04
N ARG B 622 -11.45 -39.07 8.91
CA ARG B 622 -10.84 -38.91 7.61
C ARG B 622 -11.01 -37.47 7.14
N PHE B 623 -9.90 -36.82 6.79
CA PHE B 623 -9.92 -35.41 6.41
C PHE B 623 -10.07 -35.24 4.90
N LEU B 624 -9.12 -35.77 4.14
CA LEU B 624 -9.11 -35.62 2.69
C LEU B 624 -9.68 -36.89 2.06
N GLU B 625 -10.78 -36.76 1.34
CA GLU B 625 -11.32 -37.85 0.55
C GLU B 625 -10.96 -37.63 -0.91
N LEU B 626 -10.71 -38.71 -1.62
CA LEU B 626 -10.31 -38.64 -3.02
C LEU B 626 -11.31 -39.41 -3.87
N HIS B 627 -11.94 -38.71 -4.80
CA HIS B 627 -12.76 -39.34 -5.82
C HIS B 627 -12.12 -39.00 -7.16
N MET B 628 -11.54 -39.99 -7.82
CA MET B 628 -10.93 -39.77 -9.12
C MET B 628 -11.66 -40.59 -10.16
N TYR B 629 -12.10 -39.94 -11.23
CA TYR B 629 -12.86 -40.58 -12.29
C TYR B 629 -12.09 -40.50 -13.59
N MET B 630 -12.40 -41.40 -14.51
CA MET B 630 -11.67 -41.48 -15.77
C MET B 630 -12.53 -41.35 -17.01
N THR B 631 -13.81 -41.68 -16.95
CA THR B 631 -14.81 -41.42 -17.98
C THR B 631 -14.45 -42.04 -19.33
N SER B 632 -13.42 -42.87 -19.40
CA SER B 632 -13.09 -43.56 -20.65
C SER B 632 -12.80 -45.05 -20.50
N ALA B 633 -12.52 -45.54 -19.30
CA ALA B 633 -12.24 -46.96 -19.12
C ALA B 633 -13.54 -47.74 -18.97
N THR B 667 -9.98 -44.67 -8.52
CA THR B 667 -10.37 -44.64 -9.93
C THR B 667 -11.67 -45.40 -10.17
N GLN B 668 -12.73 -44.65 -10.45
CA GLN B 668 -14.04 -45.22 -10.75
C GLN B 668 -14.39 -44.86 -12.19
N PRO B 669 -14.20 -45.77 -13.14
CA PRO B 669 -14.36 -45.43 -14.56
C PRO B 669 -15.79 -44.97 -14.88
N GLY B 670 -15.92 -44.35 -16.04
CA GLY B 670 -17.19 -43.79 -16.47
C GLY B 670 -17.49 -42.48 -15.80
N ARG B 671 -18.37 -41.68 -16.42
CA ARG B 671 -18.78 -40.42 -15.82
C ARG B 671 -19.43 -40.67 -14.46
N PRO B 672 -19.36 -39.72 -13.54
CA PRO B 672 -19.89 -39.93 -12.20
C PRO B 672 -21.42 -39.86 -12.22
N ASP B 673 -21.99 -39.94 -11.01
CA ASP B 673 -23.41 -39.67 -10.79
C ASP B 673 -23.47 -38.56 -9.76
N TRP B 674 -23.71 -37.32 -10.22
CA TRP B 674 -23.62 -36.18 -9.33
C TRP B 674 -24.68 -36.23 -8.24
N SER B 675 -25.87 -36.74 -8.57
CA SER B 675 -26.86 -36.98 -7.54
C SER B 675 -26.29 -37.88 -6.45
N LYS B 676 -25.62 -38.97 -6.87
CA LYS B 676 -25.10 -39.93 -5.91
C LYS B 676 -24.02 -39.33 -5.02
N VAL B 677 -22.99 -38.73 -5.62
CA VAL B 677 -21.87 -38.24 -4.82
C VAL B 677 -22.30 -37.03 -4.00
N PHE B 678 -23.21 -36.21 -4.53
CA PHE B 678 -23.67 -35.07 -3.75
C PHE B 678 -24.55 -35.51 -2.60
N GLN B 679 -25.37 -36.55 -2.77
CA GLN B 679 -26.13 -37.08 -1.66
C GLN B 679 -25.22 -37.75 -0.64
N LYS B 680 -24.12 -38.36 -1.10
CA LYS B 680 -23.16 -38.92 -0.17
C LYS B 680 -22.50 -37.82 0.65
N VAL B 681 -22.17 -36.69 0.01
CA VAL B 681 -21.65 -35.54 0.74
C VAL B 681 -22.67 -35.07 1.76
N ALA B 682 -23.90 -34.79 1.30
CA ALA B 682 -24.95 -34.30 2.19
C ALA B 682 -25.39 -35.33 3.22
N ALA B 683 -24.93 -36.58 3.12
CA ALA B 683 -25.32 -37.60 4.08
C ALA B 683 -24.81 -37.26 5.47
N GLU B 684 -23.51 -37.11 5.62
CA GLU B 684 -22.90 -36.77 6.89
C GLU B 684 -22.77 -35.26 7.03
N LYS B 685 -22.87 -34.79 8.28
CA LYS B 685 -22.94 -33.36 8.58
C LYS B 685 -21.58 -32.89 9.07
N LYS B 686 -20.87 -32.13 8.24
CA LYS B 686 -19.59 -31.54 8.62
C LYS B 686 -19.63 -30.02 8.72
N GLY B 687 -20.69 -29.39 8.23
CA GLY B 687 -20.82 -27.94 8.24
C GLY B 687 -21.48 -27.45 6.98
N LYS B 688 -21.20 -26.20 6.62
CA LYS B 688 -21.78 -25.61 5.42
C LYS B 688 -21.05 -26.15 4.19
N VAL B 689 -21.67 -27.10 3.52
CA VAL B 689 -21.06 -27.73 2.35
C VAL B 689 -20.95 -26.69 1.23
N GLN B 690 -19.77 -26.55 0.68
CA GLN B 690 -19.54 -25.66 -0.46
C GLN B 690 -19.07 -26.48 -1.65
N VAL B 691 -18.89 -25.80 -2.77
CA VAL B 691 -18.27 -26.39 -3.95
C VAL B 691 -17.32 -25.37 -4.53
N PHE B 692 -16.17 -25.83 -5.01
CA PHE B 692 -15.27 -25.03 -5.82
C PHE B 692 -15.00 -25.81 -7.09
N PHE B 693 -15.01 -25.12 -8.22
CA PHE B 693 -14.98 -25.80 -9.50
C PHE B 693 -13.94 -25.15 -10.40
N CYS B 694 -13.35 -25.96 -11.27
CA CYS B 694 -12.39 -25.48 -12.27
C CYS B 694 -12.54 -26.37 -13.50
N GLY B 695 -13.32 -25.92 -14.47
CA GLY B 695 -13.59 -26.75 -15.63
C GLY B 695 -14.41 -26.06 -16.70
N SER B 696 -15.08 -26.84 -17.51
CA SER B 696 -15.79 -26.32 -18.67
C SER B 696 -17.16 -25.78 -18.27
N PRO B 697 -17.54 -24.60 -18.78
CA PRO B 697 -18.83 -24.01 -18.38
C PRO B 697 -20.03 -24.84 -18.76
N ALA B 698 -19.88 -25.87 -19.60
CA ALA B 698 -20.98 -26.79 -19.83
C ALA B 698 -21.35 -27.51 -18.53
N LEU B 699 -20.35 -27.83 -17.72
CA LEU B 699 -20.57 -28.51 -16.45
C LEU B 699 -20.78 -27.54 -15.30
N ALA B 700 -20.35 -26.28 -15.45
CA ALA B 700 -20.48 -25.31 -14.37
C ALA B 700 -21.94 -25.03 -14.05
N LYS B 701 -22.80 -24.92 -15.07
CA LYS B 701 -24.21 -24.66 -14.80
C LYS B 701 -24.92 -25.89 -14.24
N VAL B 702 -24.54 -27.08 -14.70
CA VAL B 702 -25.05 -28.30 -14.10
C VAL B 702 -24.71 -28.32 -12.61
N LEU B 703 -23.48 -27.95 -12.28
CA LEU B 703 -23.05 -27.94 -10.89
C LEU B 703 -23.75 -26.84 -10.10
N LYS B 704 -24.07 -25.72 -10.75
CA LYS B 704 -24.81 -24.67 -10.07
C LYS B 704 -26.24 -25.12 -9.77
N GLY B 705 -26.83 -25.87 -10.70
CA GLY B 705 -28.18 -26.38 -10.47
C GLY B 705 -28.22 -27.43 -9.37
N HIS B 706 -27.36 -28.44 -9.46
CA HIS B 706 -27.27 -29.43 -8.39
C HIS B 706 -26.87 -28.78 -7.07
N CYS B 707 -26.16 -27.66 -7.14
CA CYS B 707 -25.48 -27.13 -5.96
C CYS B 707 -26.43 -26.32 -5.09
N GLU B 708 -27.27 -25.50 -5.70
CA GLU B 708 -28.29 -24.78 -4.95
C GLU B 708 -29.51 -25.65 -4.66
N LYS B 709 -29.58 -26.85 -5.24
CA LYS B 709 -30.64 -27.78 -4.89
C LYS B 709 -30.45 -28.33 -3.48
N PHE B 710 -29.21 -28.66 -3.11
CA PHE B 710 -28.89 -29.21 -1.81
C PHE B 710 -28.43 -28.15 -0.82
N GLY B 711 -28.64 -26.87 -1.14
CA GLY B 711 -28.18 -25.81 -0.29
C GLY B 711 -26.68 -25.59 -0.27
N PHE B 712 -25.96 -26.21 -1.20
CA PHE B 712 -24.51 -26.03 -1.25
C PHE B 712 -24.18 -24.67 -1.86
N ARG B 713 -23.44 -23.86 -1.12
CA ARG B 713 -23.05 -22.53 -1.59
C ARG B 713 -21.99 -22.68 -2.67
N PHE B 714 -22.39 -22.54 -3.94
CA PHE B 714 -21.50 -22.76 -5.06
C PHE B 714 -20.47 -21.65 -5.20
N PHE B 715 -19.30 -22.02 -5.71
CA PHE B 715 -18.31 -21.06 -6.19
C PHE B 715 -17.71 -21.63 -7.47
N GLN B 716 -17.03 -20.78 -8.23
CA GLN B 716 -16.30 -21.25 -9.39
C GLN B 716 -14.96 -20.55 -9.47
N GLU B 717 -13.93 -21.31 -9.80
CA GLU B 717 -12.59 -20.78 -9.95
C GLU B 717 -12.24 -20.61 -11.42
N ASN B 718 -11.44 -19.59 -11.71
CA ASN B 718 -11.17 -19.20 -13.09
C ASN B 718 -10.00 -19.95 -13.71
N PHE B 719 -9.09 -20.47 -12.89
CA PHE B 719 -7.92 -21.16 -13.41
C PHE B 719 -8.26 -22.48 -14.11
#